data_7ZO0
#
_entry.id   7ZO0
#
_cell.length_a   53.582
_cell.length_b   87.507
_cell.length_c   95.586
_cell.angle_alpha   90.00
_cell.angle_beta   102.86
_cell.angle_gamma   90.00
#
_symmetry.space_group_name_H-M   'P 1 21 1'
#
loop_
_entity.id
_entity.type
_entity.pdbx_description
1 polymer 'GH95 family alpha-1,2-fucosidase'
2 non-polymer GLYCEROL
3 water water
#
_entity_poly.entity_id   1
_entity_poly.type   'polypeptide(L)'
_entity_poly.pdbx_seq_one_letter_code
;MHHHHHHENLYFQGSGADKPSASNLIWSDEPAVVVYPQEDKNSEGSFGKYRKPASVWEAEGYPIGNGRVGAMIFSAPGRE
RLALNEISLWSGGANPGGGYGYGPDAGTNQFGNYLPFGDLFVDFKKGDQPASLSVEDFTRSLDLRDGIHKVNYKADGVTY
DREAFSSTPANVLVLNYKASKPGQFSADFSVNSQLGADISAKGSVITWKGMLKNGMNYEGRVLIRPKGGTLSASGDKISV
KNADSCMVVIAMETDYLMDYKKDWKGESPSRKLDRYAAKAASADYAALKQAHISQYKSMFDRVKVNFGKTEEDVAKLPTP
KRLEAYKKNPADPDLEETMFQFGRYLLLSSSRPGTLPANLQGLWNDYVKPPWACDYHNNINVQMAYWGAEPANLSECHEA
LVNYVEAMAPGCRDASQANKGFNTKDGKPVRGWTVRTSQNIFGGNGWQWNIPGAAWYALHIWEHYAFTGDRKYLEKQAYP
LMKEICHFWEDHLKELGAGGEGFKTNGKDPSEEEKKDLADVKAGTLVAPNGWSPAHGPREDGVMHDQQLIAELFSNTIKA
ARILGKDAAWAKSLEGKLKRLAGNKIGKEGNLQEWMIDRIPKTDHRHTSHLFAVFPGNQISKLKTPKLAEAARLSLEWRG
TTGDSRRSWTWPWRTALWARLGEGNKAHEMVQGLLKFNTLPNMLTTHPPMQMDGNFGIVGGICEMLVQSHAGGLDIMPSP
VEAWPEGSVKGLKARGNVTVDFSWKDGKVSNVKLYSAQPKVLPVRVNGKMTRMKTLPLKSGAGSSQPAAR
;
_entity_poly.pdbx_strand_id   A
#
# COMPACT_ATOMS: atom_id res chain seq x y z
N LYS A 19 2.97 -32.54 2.31
CA LYS A 19 3.57 -31.49 3.11
C LYS A 19 3.25 -30.11 2.54
N PRO A 20 2.97 -29.15 3.41
CA PRO A 20 2.69 -27.79 2.97
C PRO A 20 3.97 -27.05 2.60
N SER A 21 3.82 -26.11 1.67
CA SER A 21 4.96 -25.31 1.23
C SER A 21 5.48 -24.44 2.37
N ALA A 22 6.81 -24.37 2.49
CA ALA A 22 7.43 -23.61 3.57
C ALA A 22 7.28 -22.10 3.38
N SER A 23 7.03 -21.65 2.16
CA SER A 23 6.93 -20.22 1.88
C SER A 23 5.84 -19.98 0.84
N ASN A 24 5.44 -18.71 0.71
CA ASN A 24 4.49 -18.26 -0.30
C ASN A 24 3.13 -18.94 -0.15
N LEU A 25 2.79 -19.36 1.06
CA LEU A 25 1.50 -20.02 1.30
C LEU A 25 1.03 -19.67 2.71
N ILE A 26 -0.12 -18.99 2.79
CA ILE A 26 -0.75 -18.66 4.06
C ILE A 26 -1.94 -19.60 4.22
N TRP A 27 -1.95 -20.37 5.32
CA TRP A 27 -2.99 -21.37 5.50
C TRP A 27 -3.23 -21.62 6.98
N SER A 28 -4.36 -22.25 7.27
CA SER A 28 -4.76 -22.59 8.63
C SER A 28 -5.55 -23.88 8.60
N ASP A 29 -5.38 -24.70 9.63
CA ASP A 29 -6.16 -25.91 9.78
C ASP A 29 -7.44 -25.70 10.57
N GLU A 30 -7.73 -24.48 10.97
CA GLU A 30 -8.94 -24.12 11.71
C GLU A 30 -9.93 -23.42 10.78
N PRO A 31 -11.20 -23.79 10.85
CA PRO A 31 -12.21 -23.07 10.06
C PRO A 31 -12.28 -21.61 10.46
N ALA A 32 -12.46 -20.74 9.46
CA ALA A 32 -12.56 -19.32 9.72
C ALA A 32 -13.87 -18.98 10.43
N VAL A 33 -13.80 -18.01 11.33
CA VAL A 33 -15.01 -17.52 11.99
C VAL A 33 -15.84 -16.75 10.97
N VAL A 34 -17.10 -17.14 10.83
CA VAL A 34 -18.00 -16.57 9.82
C VAL A 34 -19.12 -15.82 10.57
N VAL A 35 -19.12 -14.49 10.45
CA VAL A 35 -20.15 -13.66 11.06
C VAL A 35 -20.65 -12.65 10.03
N TYR A 36 -21.88 -12.21 10.22
CA TYR A 36 -22.38 -11.08 9.45
C TYR A 36 -21.75 -9.80 9.99
N PRO A 37 -21.47 -8.82 9.11
CA PRO A 37 -20.92 -7.55 9.61
C PRO A 37 -21.87 -6.82 10.54
N GLN A 38 -23.17 -7.01 10.40
CA GLN A 38 -24.15 -6.49 11.35
C GLN A 38 -24.13 -7.36 12.59
N GLU A 39 -23.80 -6.76 13.74
CA GLU A 39 -23.55 -7.53 14.95
C GLU A 39 -24.80 -8.28 15.40
N ASP A 40 -25.96 -7.63 15.31
CA ASP A 40 -27.21 -8.23 15.81
C ASP A 40 -27.71 -9.38 14.93
N LYS A 41 -26.98 -9.77 13.89
CA LYS A 41 -27.40 -10.84 13.00
C LYS A 41 -26.72 -12.17 13.31
N ASN A 42 -25.86 -12.22 14.32
CA ASN A 42 -25.07 -13.41 14.61
C ASN A 42 -25.45 -13.98 15.97
N SER A 43 -25.23 -15.29 16.11
CA SER A 43 -25.35 -15.93 17.41
C SER A 43 -24.04 -15.77 18.18
N GLU A 44 -24.08 -15.96 19.48
CA GLU A 44 -22.87 -15.85 20.28
C GLU A 44 -21.84 -16.94 19.91
N GLY A 45 -22.30 -18.13 19.56
CA GLY A 45 -21.42 -19.17 19.13
C GLY A 45 -20.73 -18.79 17.81
N SER A 46 -21.43 -18.12 16.91
CA SER A 46 -20.83 -17.79 15.63
C SER A 46 -19.65 -16.85 15.69
N PHE A 47 -19.43 -16.17 16.82
CA PHE A 47 -18.35 -15.21 16.94
C PHE A 47 -16.99 -15.84 17.23
N GLY A 48 -16.97 -17.10 17.64
CA GLY A 48 -15.71 -17.69 18.06
C GLY A 48 -15.16 -16.98 19.29
N LYS A 49 -13.85 -16.78 19.30
CA LYS A 49 -13.20 -16.10 20.41
C LYS A 49 -13.37 -14.57 20.37
N TYR A 50 -13.96 -14.03 19.31
CA TYR A 50 -14.05 -12.59 19.14
C TYR A 50 -15.34 -12.04 19.74
N ARG A 51 -15.35 -10.72 19.94
CA ARG A 51 -16.52 -10.02 20.44
C ARG A 51 -17.15 -9.07 19.43
N LYS A 52 -16.38 -8.62 18.43
CA LYS A 52 -16.88 -7.68 17.43
C LYS A 52 -16.68 -8.24 16.03
N PRO A 53 -17.61 -7.95 15.11
CA PRO A 53 -17.45 -8.47 13.74
C PRO A 53 -16.32 -7.81 12.96
N ALA A 54 -15.86 -6.64 13.39
CA ALA A 54 -14.69 -6.04 12.75
C ALA A 54 -13.40 -6.73 13.17
N SER A 55 -13.34 -7.25 14.39
CA SER A 55 -12.18 -8.02 14.82
C SER A 55 -12.10 -9.34 14.07
N VAL A 56 -13.26 -9.94 13.77
CA VAL A 56 -13.28 -11.17 12.99
C VAL A 56 -12.78 -10.92 11.57
N TRP A 57 -13.25 -9.83 10.96
CA TRP A 57 -12.95 -9.58 9.56
C TRP A 57 -11.46 -9.37 9.32
N GLU A 58 -10.80 -8.64 10.22
CA GLU A 58 -9.42 -8.23 9.97
C GLU A 58 -8.42 -9.35 10.21
N ALA A 59 -8.76 -10.33 11.05
CA ALA A 59 -7.82 -11.37 11.43
C ALA A 59 -8.07 -12.73 10.80
N GLU A 60 -9.30 -12.99 10.34
CA GLU A 60 -9.65 -14.30 9.82
C GLU A 60 -9.72 -14.37 8.30
N GLY A 61 -9.94 -13.25 7.63
CA GLY A 61 -10.17 -13.28 6.20
C GLY A 61 -8.88 -13.36 5.39
N TYR A 62 -8.96 -14.05 4.25
CA TYR A 62 -7.88 -14.12 3.29
C TYR A 62 -8.25 -13.28 2.08
N PRO A 63 -7.42 -12.30 1.67
CA PRO A 63 -7.82 -11.40 0.59
C PRO A 63 -7.44 -11.90 -0.80
N ILE A 64 -8.32 -11.59 -1.75
CA ILE A 64 -8.04 -11.75 -3.17
C ILE A 64 -8.47 -10.46 -3.87
N GLY A 65 -7.82 -10.15 -4.98
CA GLY A 65 -8.14 -8.93 -5.71
C GLY A 65 -7.38 -8.86 -7.01
N ASN A 66 -7.91 -8.05 -7.93
CA ASN A 66 -7.30 -7.84 -9.23
C ASN A 66 -7.03 -6.37 -9.52
N GLY A 67 -6.98 -5.54 -8.48
CA GLY A 67 -6.79 -4.12 -8.63
C GLY A 67 -8.06 -3.30 -8.59
N ARG A 68 -9.21 -3.91 -8.85
CA ARG A 68 -10.48 -3.19 -8.84
C ARG A 68 -11.56 -3.89 -8.03
N VAL A 69 -11.69 -5.21 -8.15
CA VAL A 69 -12.65 -5.98 -7.38
C VAL A 69 -11.89 -6.99 -6.53
N GLY A 70 -12.39 -7.22 -5.31
CA GLY A 70 -11.73 -8.14 -4.40
C GLY A 70 -12.68 -8.63 -3.34
N ALA A 71 -12.20 -9.58 -2.55
CA ALA A 71 -12.99 -10.17 -1.50
C ALA A 71 -12.11 -10.65 -0.36
N MET A 72 -12.61 -10.50 0.86
CA MET A 72 -12.02 -11.13 2.04
C MET A 72 -12.80 -12.41 2.30
N ILE A 73 -12.10 -13.54 2.28
CA ILE A 73 -12.74 -14.86 2.26
C ILE A 73 -12.66 -15.48 3.64
N PHE A 74 -13.79 -15.98 4.12
CA PHE A 74 -13.90 -16.66 5.41
C PHE A 74 -14.51 -18.03 5.15
N SER A 75 -13.68 -19.07 5.14
CA SER A 75 -14.09 -20.40 4.74
C SER A 75 -14.27 -21.29 5.96
N ALA A 76 -15.45 -21.89 6.08
CA ALA A 76 -15.78 -22.85 7.12
C ALA A 76 -16.53 -24.01 6.48
N PRO A 77 -16.49 -25.19 7.08
CA PRO A 77 -17.19 -26.34 6.48
C PRO A 77 -18.68 -26.12 6.29
N GLY A 78 -19.33 -25.39 7.19
CA GLY A 78 -20.76 -25.20 7.13
C GLY A 78 -21.20 -23.95 6.39
N ARG A 79 -20.41 -22.89 6.49
CA ARG A 79 -20.74 -21.62 5.85
C ARG A 79 -19.47 -21.00 5.26
N GLU A 80 -19.67 -20.09 4.33
CA GLU A 80 -18.57 -19.35 3.71
C GLU A 80 -19.02 -17.92 3.46
N ARG A 81 -18.20 -16.96 3.87
CA ARG A 81 -18.49 -15.54 3.67
C ARG A 81 -17.45 -14.93 2.76
N LEU A 82 -17.89 -14.21 1.75
CA LEU A 82 -17.03 -13.42 0.87
C LEU A 82 -17.42 -11.95 1.05
N ALA A 83 -16.62 -11.22 1.83
CA ALA A 83 -16.83 -9.78 2.00
C ALA A 83 -16.30 -9.08 0.76
N LEU A 84 -17.20 -8.57 -0.07
CA LEU A 84 -16.86 -8.08 -1.39
C LEU A 84 -16.45 -6.60 -1.35
N ASN A 85 -15.75 -6.17 -2.39
CA ASN A 85 -15.25 -4.82 -2.48
C ASN A 85 -15.08 -4.41 -3.93
N GLU A 86 -15.41 -3.15 -4.22
CA GLU A 86 -15.03 -2.49 -5.46
C GLU A 86 -14.34 -1.19 -5.07
N ILE A 87 -13.14 -0.98 -5.61
CA ILE A 87 -12.24 0.06 -5.11
C ILE A 87 -12.84 1.46 -5.22
N SER A 88 -13.86 1.65 -6.04
CA SER A 88 -14.41 2.97 -6.29
C SER A 88 -15.70 3.27 -5.53
N LEU A 89 -16.16 2.35 -4.69
CA LEU A 89 -17.39 2.58 -3.92
C LEU A 89 -17.08 3.52 -2.76
N TRP A 90 -17.45 4.79 -2.92
CA TRP A 90 -17.08 5.82 -1.96
C TRP A 90 -18.29 6.71 -1.67
N SER A 91 -18.43 7.10 -0.41
CA SER A 91 -19.34 8.16 -0.03
C SER A 91 -18.58 9.50 -0.08
N GLY A 92 -19.30 10.59 0.14
CA GLY A 92 -18.68 11.89 0.16
C GLY A 92 -18.61 12.54 -1.22
N GLY A 93 -17.92 13.68 -1.26
CA GLY A 93 -17.80 14.43 -2.50
C GLY A 93 -16.69 15.46 -2.50
N ALA A 94 -16.95 16.62 -3.11
CA ALA A 94 -15.92 17.64 -3.27
C ALA A 94 -15.44 18.18 -1.93
N ASN A 95 -16.29 18.16 -0.91
CA ASN A 95 -15.94 18.60 0.44
C ASN A 95 -15.32 20.00 0.43
N PRO A 96 -16.09 21.03 0.04
CA PRO A 96 -15.50 22.37 -0.04
C PRO A 96 -15.13 22.95 1.32
N GLY A 97 -15.80 22.52 2.38
CA GLY A 97 -15.48 23.01 3.71
C GLY A 97 -14.20 22.46 4.29
N GLY A 98 -13.65 21.41 3.70
CA GLY A 98 -12.41 20.84 4.20
C GLY A 98 -12.54 20.05 5.48
N GLY A 99 -13.76 19.63 5.84
CA GLY A 99 -13.97 18.86 7.05
C GLY A 99 -13.61 17.39 6.87
N TYR A 100 -13.87 16.63 7.92
CA TYR A 100 -13.54 15.21 7.96
C TYR A 100 -14.74 14.39 8.43
N GLY A 101 -15.93 14.73 7.93
CA GLY A 101 -17.12 13.96 8.24
C GLY A 101 -17.34 12.89 7.19
N TYR A 102 -17.62 11.67 7.65
CA TYR A 102 -17.86 10.57 6.73
C TYR A 102 -18.88 9.63 7.33
N GLY A 103 -19.08 8.48 6.68
CA GLY A 103 -20.17 7.59 6.97
C GLY A 103 -20.84 7.18 5.69
N PRO A 104 -21.65 6.11 5.74
CA PRO A 104 -22.30 5.63 4.52
C PRO A 104 -23.28 6.62 3.90
N ASP A 105 -23.74 7.62 4.66
CA ASP A 105 -24.69 8.61 4.16
C ASP A 105 -24.02 9.97 3.90
N ALA A 106 -22.70 10.03 3.89
CA ALA A 106 -22.02 11.29 3.62
C ALA A 106 -22.32 11.76 2.21
N GLY A 107 -22.76 13.01 2.09
CA GLY A 107 -23.14 13.59 0.83
C GLY A 107 -21.98 14.26 0.11
N THR A 108 -22.31 14.94 -0.99
CA THR A 108 -21.29 15.60 -1.79
C THR A 108 -20.58 16.72 -1.03
N ASN A 109 -21.17 17.21 0.06
CA ASN A 109 -20.56 18.25 0.87
C ASN A 109 -19.66 17.70 1.98
N GLN A 110 -19.54 16.38 2.09
CA GLN A 110 -18.75 15.75 3.14
C GLN A 110 -17.55 15.02 2.53
N PHE A 111 -16.64 14.60 3.40
CA PHE A 111 -15.43 13.93 2.94
C PHE A 111 -15.75 12.53 2.43
N GLY A 112 -16.46 11.73 3.23
CA GLY A 112 -16.82 10.38 2.82
C GLY A 112 -15.76 9.36 3.16
N ASN A 113 -16.04 8.12 2.74
CA ASN A 113 -15.16 7.02 3.07
C ASN A 113 -15.35 5.89 2.07
N TYR A 114 -14.35 5.00 2.02
CA TYR A 114 -14.47 3.76 1.27
C TYR A 114 -15.53 2.86 1.90
N LEU A 115 -16.34 2.22 1.05
CA LEU A 115 -17.49 1.49 1.57
C LEU A 115 -17.42 0.02 1.19
N PRO A 116 -18.05 -0.87 1.97
CA PRO A 116 -18.13 -2.28 1.59
C PRO A 116 -19.20 -2.47 0.53
N PHE A 117 -18.86 -3.23 -0.52
CA PHE A 117 -19.81 -3.43 -1.61
C PHE A 117 -20.93 -4.39 -1.22
N GLY A 118 -20.61 -5.40 -0.42
CA GLY A 118 -21.60 -6.36 0.00
C GLY A 118 -20.93 -7.65 0.44
N ASP A 119 -21.76 -8.64 0.74
CA ASP A 119 -21.30 -9.95 1.17
C ASP A 119 -22.00 -11.03 0.38
N LEU A 120 -21.26 -12.10 0.06
CA LEU A 120 -21.84 -13.31 -0.49
C LEU A 120 -21.72 -14.40 0.56
N PHE A 121 -22.85 -14.86 1.08
CA PHE A 121 -22.89 -15.91 2.09
C PHE A 121 -23.30 -17.21 1.42
N VAL A 122 -22.51 -18.25 1.62
CA VAL A 122 -22.78 -19.58 1.08
C VAL A 122 -23.07 -20.51 2.25
N ASP A 123 -24.33 -20.90 2.40
CA ASP A 123 -24.76 -21.81 3.46
C ASP A 123 -24.87 -23.21 2.84
N PHE A 124 -23.85 -24.02 3.06
CA PHE A 124 -23.82 -25.36 2.49
C PHE A 124 -24.84 -26.26 3.18
N LYS A 125 -25.35 -27.24 2.43
CA LYS A 125 -26.37 -28.14 2.91
C LYS A 125 -26.03 -29.58 2.54
N LYS A 126 -26.45 -30.51 3.39
CA LYS A 126 -26.37 -31.92 3.05
C LYS A 126 -27.50 -32.32 2.11
N GLY A 127 -28.74 -32.20 2.57
CA GLY A 127 -29.91 -32.33 1.72
C GLY A 127 -30.76 -31.09 1.82
N ASP A 128 -31.89 -31.19 2.52
CA ASP A 128 -32.66 -30.01 2.90
C ASP A 128 -32.24 -29.45 4.25
N GLN A 129 -31.27 -30.08 4.91
CA GLN A 129 -30.78 -29.69 6.22
C GLN A 129 -29.39 -29.08 6.11
N PRO A 130 -29.01 -28.24 7.08
CA PRO A 130 -27.66 -27.63 7.03
C PRO A 130 -26.57 -28.68 7.16
N ALA A 131 -25.46 -28.44 6.48
CA ALA A 131 -24.35 -29.37 6.52
C ALA A 131 -23.62 -29.30 7.85
N SER A 132 -22.78 -30.29 8.11
CA SER A 132 -22.04 -30.34 9.37
C SER A 132 -21.03 -29.19 9.50
N LEU A 133 -20.79 -28.75 10.72
CA LEU A 133 -19.87 -27.64 10.94
C LEU A 133 -18.47 -28.14 11.21
N SER A 134 -18.35 -29.38 11.64
CA SER A 134 -17.04 -29.99 11.86
C SER A 134 -16.87 -31.18 10.92
N VAL A 135 -15.73 -31.21 10.23
CA VAL A 135 -15.45 -32.27 9.26
C VAL A 135 -14.07 -32.85 9.57
N GLU A 136 -13.46 -33.50 8.58
CA GLU A 136 -12.14 -34.11 8.73
C GLU A 136 -11.15 -33.43 7.80
N ASP A 137 -9.95 -33.17 8.34
CA ASP A 137 -8.81 -32.69 7.55
C ASP A 137 -9.13 -31.40 6.82
N PHE A 138 -9.71 -30.44 7.54
CA PHE A 138 -10.08 -29.17 6.93
C PHE A 138 -8.87 -28.26 6.84
N THR A 139 -8.68 -27.62 5.69
CA THR A 139 -7.64 -26.63 5.48
C THR A 139 -8.17 -25.53 4.58
N ARG A 140 -7.90 -24.29 4.94
CA ARG A 140 -8.09 -23.14 4.06
C ARG A 140 -6.72 -22.51 3.81
N SER A 141 -6.49 -22.10 2.57
CA SER A 141 -5.17 -21.62 2.18
C SER A 141 -5.30 -20.50 1.16
N LEU A 142 -4.40 -19.52 1.26
CA LEU A 142 -4.21 -18.49 0.24
C LEU A 142 -2.85 -18.75 -0.40
N ASP A 143 -2.87 -19.29 -1.62
CA ASP A 143 -1.66 -19.69 -2.31
C ASP A 143 -1.11 -18.50 -3.09
N LEU A 144 -0.02 -17.90 -2.60
CA LEU A 144 0.60 -16.77 -3.28
C LEU A 144 1.29 -17.17 -4.58
N ARG A 145 1.50 -18.47 -4.81
CA ARG A 145 2.18 -18.90 -6.02
C ARG A 145 1.29 -18.77 -7.25
N ASP A 146 -0.01 -18.99 -7.10
CA ASP A 146 -0.95 -18.83 -8.20
C ASP A 146 -2.08 -17.85 -7.89
N GLY A 147 -2.03 -17.19 -6.73
CA GLY A 147 -3.04 -16.21 -6.36
C GLY A 147 -4.44 -16.77 -6.28
N ILE A 148 -4.59 -17.91 -5.60
CA ILE A 148 -5.86 -18.62 -5.53
C ILE A 148 -6.12 -19.01 -4.08
N HIS A 149 -7.33 -18.72 -3.59
CA HIS A 149 -7.77 -19.21 -2.29
C HIS A 149 -8.29 -20.63 -2.43
N LYS A 150 -7.76 -21.54 -1.62
CA LYS A 150 -8.07 -22.96 -1.75
C LYS A 150 -8.57 -23.51 -0.42
N VAL A 151 -9.61 -24.35 -0.50
CA VAL A 151 -10.21 -25.00 0.66
C VAL A 151 -10.35 -26.49 0.34
N ASN A 152 -10.09 -27.34 1.34
CA ASN A 152 -10.15 -28.78 1.15
C ASN A 152 -10.49 -29.44 2.48
N TYR A 153 -11.36 -30.45 2.43
CA TYR A 153 -11.75 -31.22 3.61
C TYR A 153 -12.43 -32.49 3.14
N LYS A 154 -12.83 -33.32 4.11
CA LYS A 154 -13.51 -34.58 3.83
C LYS A 154 -14.67 -34.74 4.80
N ALA A 155 -15.74 -35.37 4.31
CA ALA A 155 -16.94 -35.57 5.12
C ALA A 155 -17.70 -36.76 4.58
N ASP A 156 -17.91 -37.77 5.42
CA ASP A 156 -18.66 -38.98 5.06
C ASP A 156 -18.06 -39.66 3.82
N GLY A 157 -16.74 -39.65 3.73
CA GLY A 157 -16.05 -40.31 2.63
C GLY A 157 -16.01 -39.52 1.34
N VAL A 158 -16.44 -38.27 1.35
CA VAL A 158 -16.43 -37.41 0.17
C VAL A 158 -15.42 -36.30 0.40
N THR A 159 -14.54 -36.06 -0.57
CA THR A 159 -13.54 -35.01 -0.50
C THR A 159 -14.05 -33.78 -1.24
N TYR A 160 -14.23 -32.69 -0.51
CA TYR A 160 -14.71 -31.44 -1.08
C TYR A 160 -13.56 -30.48 -1.30
N ASP A 161 -13.69 -29.64 -2.32
CA ASP A 161 -12.66 -28.67 -2.67
C ASP A 161 -13.32 -27.38 -3.14
N ARG A 162 -12.77 -26.26 -2.69
CA ARG A 162 -13.23 -24.94 -3.10
C ARG A 162 -12.04 -24.12 -3.60
N GLU A 163 -12.30 -23.25 -4.57
CA GLU A 163 -11.28 -22.40 -5.14
C GLU A 163 -11.87 -21.03 -5.42
N ALA A 164 -11.05 -19.99 -5.24
CA ALA A 164 -11.51 -18.63 -5.43
C ALA A 164 -10.34 -17.75 -5.84
N PHE A 165 -10.60 -16.84 -6.78
CA PHE A 165 -9.58 -15.89 -7.22
C PHE A 165 -10.27 -14.72 -7.89
N SER A 166 -9.53 -13.63 -8.03
CA SER A 166 -9.99 -12.43 -8.72
C SER A 166 -9.23 -12.32 -10.04
N SER A 167 -9.91 -12.58 -11.14
CA SER A 167 -9.29 -12.66 -12.45
C SER A 167 -9.17 -11.28 -13.08
N THR A 168 -7.94 -10.92 -13.47
CA THR A 168 -7.77 -9.69 -14.25
C THR A 168 -8.32 -9.83 -15.66
N PRO A 169 -7.99 -10.86 -16.44
CA PRO A 169 -8.54 -10.93 -17.82
C PRO A 169 -10.05 -11.03 -17.87
N ALA A 170 -10.68 -11.66 -16.88
CA ALA A 170 -12.14 -11.77 -16.86
C ALA A 170 -12.80 -10.63 -16.10
N ASN A 171 -12.05 -9.90 -15.27
CA ASN A 171 -12.54 -8.73 -14.54
C ASN A 171 -13.70 -9.09 -13.61
N VAL A 172 -13.66 -10.29 -13.03
CA VAL A 172 -14.68 -10.77 -12.11
C VAL A 172 -14.01 -11.64 -11.06
N LEU A 173 -14.76 -11.97 -10.00
CA LEU A 173 -14.37 -13.00 -9.06
C LEU A 173 -14.92 -14.33 -9.54
N VAL A 174 -14.12 -15.39 -9.42
CA VAL A 174 -14.49 -16.72 -9.88
C VAL A 174 -14.35 -17.69 -8.72
N LEU A 175 -15.43 -18.38 -8.38
CA LEU A 175 -15.43 -19.42 -7.38
C LEU A 175 -15.76 -20.75 -8.04
N ASN A 176 -15.32 -21.85 -7.42
CA ASN A 176 -15.66 -23.17 -7.91
C ASN A 176 -15.67 -24.16 -6.74
N TYR A 177 -16.74 -24.93 -6.65
CA TYR A 177 -16.90 -25.94 -5.60
C TYR A 177 -17.00 -27.31 -6.27
N LYS A 178 -16.15 -28.24 -5.83
CA LYS A 178 -16.11 -29.58 -6.39
C LYS A 178 -16.26 -30.61 -5.28
N ALA A 179 -16.50 -31.86 -5.67
CA ALA A 179 -16.62 -32.97 -4.75
C ALA A 179 -16.12 -34.23 -5.43
N SER A 180 -15.53 -35.13 -4.63
CA SER A 180 -14.96 -36.36 -5.17
C SER A 180 -16.01 -37.34 -5.67
N LYS A 181 -17.28 -37.15 -5.32
CA LYS A 181 -18.36 -38.00 -5.78
C LYS A 181 -19.45 -37.15 -6.42
N PRO A 182 -20.09 -37.65 -7.48
CA PRO A 182 -21.08 -36.84 -8.20
C PRO A 182 -22.31 -36.54 -7.36
N GLY A 183 -22.93 -35.40 -7.65
CA GLY A 183 -24.18 -35.03 -7.02
C GLY A 183 -24.10 -34.78 -5.53
N GLN A 184 -22.93 -34.40 -5.03
CA GLN A 184 -22.71 -34.25 -3.60
C GLN A 184 -22.54 -32.79 -3.17
N PHE A 185 -22.97 -31.84 -4.00
CA PHE A 185 -22.88 -30.42 -3.66
C PHE A 185 -24.28 -29.83 -3.55
N SER A 186 -24.54 -29.18 -2.42
CA SER A 186 -25.79 -28.44 -2.22
C SER A 186 -25.49 -27.25 -1.32
N ALA A 187 -25.94 -26.07 -1.75
CA ALA A 187 -25.66 -24.85 -0.98
C ALA A 187 -26.69 -23.79 -1.33
N ASP A 188 -26.90 -22.87 -0.39
CA ASP A 188 -27.79 -21.73 -0.57
C ASP A 188 -26.95 -20.47 -0.66
N PHE A 189 -27.08 -19.74 -1.76
CA PHE A 189 -26.33 -18.52 -2.00
C PHE A 189 -27.22 -17.31 -1.73
N SER A 190 -26.77 -16.43 -0.84
CA SER A 190 -27.48 -15.21 -0.53
C SER A 190 -26.50 -14.04 -0.55
N VAL A 191 -27.04 -12.84 -0.73
CA VAL A 191 -26.25 -11.61 -0.79
C VAL A 191 -26.68 -10.70 0.35
N ASN A 192 -25.71 -10.23 1.11
CA ASN A 192 -25.93 -9.31 2.23
C ASN A 192 -25.42 -7.92 1.86
N SER A 193 -26.09 -6.90 2.39
CA SER A 193 -25.69 -5.52 2.15
C SER A 193 -25.82 -4.73 3.45
N GLN A 194 -24.83 -3.88 3.72
CA GLN A 194 -24.87 -2.95 4.83
C GLN A 194 -25.35 -1.56 4.42
N LEU A 195 -25.71 -1.38 3.15
CA LEU A 195 -26.08 -0.07 2.61
C LEU A 195 -27.53 -0.04 2.15
N GLY A 196 -28.36 -0.98 2.60
CA GLY A 196 -29.75 -1.02 2.18
C GLY A 196 -29.93 -1.25 0.70
N ALA A 197 -29.06 -2.05 0.09
CA ALA A 197 -29.14 -2.29 -1.34
C ALA A 197 -30.40 -3.08 -1.69
N ASP A 198 -30.94 -2.81 -2.88
CA ASP A 198 -32.08 -3.55 -3.40
C ASP A 198 -31.58 -4.88 -3.95
N ILE A 199 -31.91 -5.97 -3.26
CA ILE A 199 -31.43 -7.31 -3.61
C ILE A 199 -32.60 -8.11 -4.18
N SER A 200 -32.36 -8.75 -5.32
CA SER A 200 -33.37 -9.59 -5.96
C SER A 200 -32.68 -10.73 -6.68
N ALA A 201 -33.27 -11.91 -6.58
CA ALA A 201 -32.73 -13.13 -7.20
C ALA A 201 -33.76 -13.65 -8.20
N LYS A 202 -33.42 -13.60 -9.48
CA LYS A 202 -34.28 -14.10 -10.55
C LYS A 202 -33.46 -15.00 -11.46
N GLY A 203 -33.97 -16.19 -11.74
CA GLY A 203 -33.25 -17.15 -12.55
C GLY A 203 -32.05 -17.73 -11.84
N SER A 204 -30.85 -17.47 -12.35
CA SER A 204 -29.62 -17.97 -11.77
C SER A 204 -28.69 -16.83 -11.34
N VAL A 205 -29.22 -15.61 -11.22
CA VAL A 205 -28.41 -14.44 -10.92
C VAL A 205 -29.03 -13.71 -9.74
N ILE A 206 -28.21 -13.38 -8.74
CA ILE A 206 -28.59 -12.49 -7.66
C ILE A 206 -28.03 -11.11 -7.99
N THR A 207 -28.92 -10.12 -8.06
CA THR A 207 -28.53 -8.75 -8.39
C THR A 207 -28.85 -7.84 -7.21
N TRP A 208 -27.85 -7.10 -6.75
CA TRP A 208 -28.05 -6.06 -5.76
C TRP A 208 -27.49 -4.75 -6.28
N LYS A 209 -28.19 -3.66 -5.99
CA LYS A 209 -27.88 -2.36 -6.54
C LYS A 209 -28.37 -1.29 -5.59
N GLY A 210 -27.90 -0.07 -5.80
CA GLY A 210 -28.32 1.05 -4.97
C GLY A 210 -27.66 2.34 -5.42
N MET A 211 -28.15 3.43 -4.86
CA MET A 211 -27.61 4.76 -5.11
C MET A 211 -27.24 5.36 -3.77
N LEU A 212 -25.96 5.68 -3.59
CA LEU A 212 -25.51 6.30 -2.37
C LEU A 212 -26.09 7.70 -2.22
N LYS A 213 -26.00 8.24 -1.00
CA LYS A 213 -26.53 9.57 -0.74
C LYS A 213 -25.78 10.65 -1.53
N ASN A 214 -24.55 10.38 -1.95
CA ASN A 214 -23.78 11.33 -2.73
C ASN A 214 -24.06 11.23 -4.23
N GLY A 215 -24.89 10.27 -4.65
CA GLY A 215 -25.30 10.15 -6.03
C GLY A 215 -24.65 9.04 -6.82
N MET A 216 -23.61 8.40 -6.28
CA MET A 216 -22.94 7.33 -7.02
C MET A 216 -23.83 6.10 -7.08
N ASN A 217 -23.94 5.51 -8.26
CA ASN A 217 -24.72 4.30 -8.48
C ASN A 217 -23.80 3.09 -8.53
N TYR A 218 -24.26 1.97 -8.00
CA TYR A 218 -23.49 0.73 -8.00
C TYR A 218 -24.43 -0.44 -8.24
N GLU A 219 -23.86 -1.52 -8.76
CA GLU A 219 -24.62 -2.74 -8.98
C GLU A 219 -23.67 -3.93 -8.99
N GLY A 220 -24.07 -4.99 -8.30
CA GLY A 220 -23.34 -6.24 -8.34
C GLY A 220 -24.21 -7.37 -8.83
N ARG A 221 -23.59 -8.43 -9.32
CA ARG A 221 -24.31 -9.62 -9.79
C ARG A 221 -23.54 -10.86 -9.40
N VAL A 222 -24.24 -11.84 -8.83
CA VAL A 222 -23.68 -13.14 -8.50
C VAL A 222 -24.32 -14.15 -9.45
N LEU A 223 -23.53 -14.65 -10.40
CA LEU A 223 -24.01 -15.60 -11.39
C LEU A 223 -23.63 -17.01 -10.97
N ILE A 224 -24.62 -17.88 -10.86
CA ILE A 224 -24.44 -19.24 -10.37
C ILE A 224 -24.52 -20.19 -11.56
N ARG A 225 -23.48 -21.00 -11.74
CA ARG A 225 -23.37 -21.91 -12.88
C ARG A 225 -23.03 -23.30 -12.36
N PRO A 226 -24.05 -24.07 -11.96
CA PRO A 226 -23.81 -25.43 -11.46
C PRO A 226 -23.77 -26.45 -12.59
N LYS A 227 -23.12 -27.57 -12.30
CA LYS A 227 -23.05 -28.72 -13.20
C LYS A 227 -23.88 -29.83 -12.59
N GLY A 228 -25.08 -30.05 -13.15
CA GLY A 228 -25.99 -31.02 -12.62
C GLY A 228 -26.85 -30.46 -11.50
N GLY A 229 -27.72 -31.32 -10.97
CA GLY A 229 -28.58 -30.90 -9.88
C GLY A 229 -29.68 -29.96 -10.36
N THR A 230 -30.29 -29.29 -9.37
CA THR A 230 -31.39 -28.37 -9.62
C THR A 230 -31.07 -27.02 -9.00
N LEU A 231 -31.49 -25.95 -9.68
CA LEU A 231 -31.30 -24.58 -9.21
C LEU A 231 -32.65 -23.91 -9.06
N SER A 232 -32.82 -23.18 -7.95
CA SER A 232 -34.08 -22.53 -7.65
C SER A 232 -33.80 -21.17 -6.99
N ALA A 233 -34.58 -20.18 -7.36
CA ALA A 233 -34.44 -18.81 -6.85
C ALA A 233 -35.68 -18.50 -5.99
N SER A 234 -35.59 -18.85 -4.71
CA SER A 234 -36.65 -18.60 -3.75
C SER A 234 -36.30 -17.36 -2.93
N GLY A 235 -37.18 -16.37 -2.95
CA GLY A 235 -36.90 -15.13 -2.25
C GLY A 235 -35.75 -14.39 -2.91
N ASP A 236 -34.81 -13.92 -2.09
CA ASP A 236 -33.61 -13.26 -2.58
C ASP A 236 -32.38 -14.14 -2.42
N LYS A 237 -32.56 -15.46 -2.49
CA LYS A 237 -31.47 -16.43 -2.42
C LYS A 237 -31.60 -17.39 -3.58
N ILE A 238 -30.57 -18.19 -3.80
CA ILE A 238 -30.55 -19.20 -4.85
C ILE A 238 -30.09 -20.52 -4.24
N SER A 239 -30.88 -21.56 -4.46
CA SER A 239 -30.63 -22.88 -3.88
C SER A 239 -30.13 -23.83 -4.97
N VAL A 240 -28.99 -24.45 -4.73
CA VAL A 240 -28.46 -25.51 -5.59
C VAL A 240 -28.53 -26.81 -4.81
N LYS A 241 -29.04 -27.86 -5.44
CA LYS A 241 -29.28 -29.13 -4.77
C LYS A 241 -28.72 -30.27 -5.60
N ASN A 242 -27.85 -31.08 -4.98
CA ASN A 242 -27.34 -32.32 -5.57
C ASN A 242 -26.64 -32.08 -6.91
N ALA A 243 -25.80 -31.05 -6.96
CA ALA A 243 -25.03 -30.76 -8.16
C ALA A 243 -23.67 -31.45 -8.10
N ASP A 244 -23.13 -31.77 -9.27
CA ASP A 244 -21.80 -32.35 -9.34
C ASP A 244 -20.75 -31.32 -8.94
N SER A 245 -20.87 -30.10 -9.45
CA SER A 245 -19.98 -29.00 -9.10
C SER A 245 -20.76 -27.70 -9.25
N CYS A 246 -20.08 -26.58 -9.01
CA CYS A 246 -20.73 -25.28 -9.11
C CYS A 246 -19.68 -24.20 -9.26
N MET A 247 -19.75 -23.44 -10.36
CA MET A 247 -18.92 -22.27 -10.57
C MET A 247 -19.76 -21.03 -10.29
N VAL A 248 -19.15 -20.06 -9.60
CA VAL A 248 -19.81 -18.82 -9.24
C VAL A 248 -18.98 -17.65 -9.76
N VAL A 249 -19.66 -16.67 -10.34
CA VAL A 249 -19.02 -15.46 -10.87
C VAL A 249 -19.61 -14.26 -10.13
N ILE A 250 -18.75 -13.39 -9.64
CA ILE A 250 -19.14 -12.18 -8.92
C ILE A 250 -18.61 -10.99 -9.70
N ALA A 251 -19.51 -10.11 -10.14
CA ALA A 251 -19.14 -8.90 -10.86
C ALA A 251 -19.69 -7.69 -10.12
N MET A 252 -18.90 -6.62 -10.07
CA MET A 252 -19.27 -5.42 -9.34
C MET A 252 -18.82 -4.19 -10.12
N GLU A 253 -19.71 -3.21 -10.25
CA GLU A 253 -19.40 -1.98 -10.94
C GLU A 253 -20.03 -0.80 -10.21
N THR A 254 -19.42 0.37 -10.40
CA THR A 254 -20.00 1.65 -10.02
C THR A 254 -19.97 2.55 -11.24
N ASP A 255 -20.64 3.70 -11.14
CA ASP A 255 -20.60 4.70 -12.20
C ASP A 255 -19.48 5.72 -12.00
N TYR A 256 -18.48 5.40 -11.19
CA TYR A 256 -17.41 6.34 -10.92
C TYR A 256 -16.49 6.46 -12.13
N LEU A 257 -16.01 7.67 -12.37
CA LEU A 257 -15.05 7.97 -13.42
C LEU A 257 -14.06 8.97 -12.88
N MET A 258 -12.77 8.65 -12.95
CA MET A 258 -11.72 9.52 -12.41
C MET A 258 -11.48 10.70 -13.36
N ASP A 259 -12.49 11.57 -13.43
CA ASP A 259 -12.41 12.77 -14.25
C ASP A 259 -13.27 13.84 -13.60
N TYR A 260 -12.63 14.90 -13.12
CA TYR A 260 -13.36 15.99 -12.48
C TYR A 260 -14.26 16.72 -13.47
N LYS A 261 -13.87 16.76 -14.75
CA LYS A 261 -14.67 17.47 -15.74
C LYS A 261 -16.02 16.80 -15.97
N LYS A 262 -16.11 15.50 -15.72
CA LYS A 262 -17.36 14.77 -15.84
C LYS A 262 -18.10 14.66 -14.51
N ASP A 263 -17.69 15.43 -13.51
CA ASP A 263 -18.25 15.36 -12.16
C ASP A 263 -18.17 13.94 -11.60
N TRP A 264 -17.08 13.24 -11.93
CA TRP A 264 -16.77 11.92 -11.39
C TRP A 264 -17.82 10.88 -11.75
N LYS A 265 -18.54 11.10 -12.85
CA LYS A 265 -19.61 10.21 -13.26
C LYS A 265 -19.37 9.72 -14.68
N GLY A 266 -19.41 8.41 -14.86
CA GLY A 266 -19.27 7.81 -16.17
C GLY A 266 -20.47 6.97 -16.55
N GLU A 267 -20.25 5.88 -17.26
CA GLU A 267 -21.33 5.02 -17.69
C GLU A 267 -21.93 4.27 -16.50
N SER A 268 -23.23 4.02 -16.58
CA SER A 268 -23.94 3.38 -15.48
C SER A 268 -23.43 1.96 -15.25
N PRO A 269 -23.47 1.49 -13.99
CA PRO A 269 -22.93 0.15 -13.71
C PRO A 269 -23.69 -0.98 -14.39
N SER A 270 -25.00 -0.83 -14.59
CA SER A 270 -25.76 -1.89 -15.24
C SER A 270 -25.39 -2.04 -16.70
N ARG A 271 -25.16 -0.91 -17.39
CA ARG A 271 -24.73 -0.99 -18.79
C ARG A 271 -23.37 -1.65 -18.91
N LYS A 272 -22.49 -1.42 -17.94
CA LYS A 272 -21.18 -2.05 -17.98
C LYS A 272 -21.27 -3.55 -17.71
N LEU A 273 -22.07 -3.94 -16.71
CA LEU A 273 -22.19 -5.36 -16.38
C LEU A 273 -22.81 -6.16 -17.52
N ASP A 274 -23.70 -5.54 -18.29
CA ASP A 274 -24.34 -6.23 -19.41
C ASP A 274 -23.35 -6.59 -20.52
N ARG A 275 -22.12 -6.12 -20.45
CA ARG A 275 -21.15 -6.32 -21.52
C ARG A 275 -20.16 -7.44 -21.27
N TYR A 276 -20.09 -7.99 -20.05
CA TYR A 276 -19.06 -8.98 -19.77
C TYR A 276 -19.46 -9.98 -18.69
N ALA A 277 -20.38 -9.58 -17.80
CA ALA A 277 -20.71 -10.43 -16.65
C ALA A 277 -21.24 -11.79 -17.09
N ALA A 278 -22.25 -11.80 -17.97
CA ALA A 278 -22.81 -13.06 -18.43
C ALA A 278 -21.82 -13.83 -19.31
N LYS A 279 -20.96 -13.12 -20.05
CA LYS A 279 -19.98 -13.79 -20.89
C LYS A 279 -18.94 -14.51 -20.03
N ALA A 280 -18.56 -13.92 -18.90
CA ALA A 280 -17.61 -14.58 -18.00
C ALA A 280 -18.23 -15.81 -17.36
N ALA A 281 -19.52 -15.74 -17.01
CA ALA A 281 -20.19 -16.88 -16.39
C ALA A 281 -20.43 -18.01 -17.38
N SER A 282 -20.39 -17.74 -18.68
CA SER A 282 -20.58 -18.77 -19.69
C SER A 282 -19.28 -19.49 -20.05
N ALA A 283 -18.15 -19.03 -19.53
CA ALA A 283 -16.87 -19.66 -19.83
C ALA A 283 -16.66 -20.89 -18.97
N ASP A 284 -15.81 -21.79 -19.45
CA ASP A 284 -15.42 -22.97 -18.69
C ASP A 284 -14.43 -22.57 -17.60
N TYR A 285 -14.61 -23.15 -16.41
CA TYR A 285 -13.83 -22.71 -15.25
C TYR A 285 -12.35 -22.94 -15.46
N ALA A 286 -11.97 -24.03 -16.14
CA ALA A 286 -10.56 -24.29 -16.38
C ALA A 286 -9.93 -23.22 -17.26
N ALA A 287 -10.70 -22.64 -18.18
CA ALA A 287 -10.17 -21.58 -19.03
C ALA A 287 -10.00 -20.29 -18.23
N LEU A 288 -10.95 -19.97 -17.36
CA LEU A 288 -10.82 -18.78 -16.52
C LEU A 288 -9.64 -18.90 -15.57
N LYS A 289 -9.47 -20.06 -14.94
CA LYS A 289 -8.36 -20.26 -14.02
C LYS A 289 -7.03 -20.26 -14.76
N GLN A 290 -6.98 -20.87 -15.93
CA GLN A 290 -5.75 -20.86 -16.72
C GLN A 290 -5.35 -19.43 -17.10
N ALA A 291 -6.32 -18.62 -17.51
CA ALA A 291 -6.02 -17.24 -17.88
C ALA A 291 -5.59 -16.43 -16.67
N HIS A 292 -6.20 -16.68 -15.52
CA HIS A 292 -5.84 -15.94 -14.31
C HIS A 292 -4.42 -16.28 -13.85
N ILE A 293 -4.10 -17.58 -13.76
CA ILE A 293 -2.78 -18.00 -13.30
C ILE A 293 -1.70 -17.46 -14.21
N SER A 294 -1.92 -17.55 -15.53
CA SER A 294 -0.93 -17.04 -16.49
C SER A 294 -0.71 -15.54 -16.30
N GLN A 295 -1.81 -14.78 -16.15
CA GLN A 295 -1.68 -13.34 -15.94
C GLN A 295 -1.06 -13.03 -14.59
N TYR A 296 -1.53 -13.72 -13.53
CA TYR A 296 -1.04 -13.43 -12.19
C TYR A 296 0.45 -13.68 -12.07
N LYS A 297 0.92 -14.81 -12.61
CA LYS A 297 2.35 -15.14 -12.52
C LYS A 297 3.21 -14.14 -13.29
N SER A 298 2.66 -13.49 -14.31
CA SER A 298 3.42 -12.52 -15.07
C SER A 298 3.84 -11.31 -14.23
N MET A 299 3.15 -11.06 -13.12
CA MET A 299 3.55 -10.03 -12.16
C MET A 299 4.22 -10.60 -10.92
N PHE A 300 3.70 -11.71 -10.38
CA PHE A 300 4.23 -12.24 -9.13
C PHE A 300 5.61 -12.86 -9.32
N ASP A 301 5.82 -13.59 -10.41
CA ASP A 301 7.08 -14.29 -10.62
C ASP A 301 8.20 -13.38 -11.07
N ARG A 302 7.97 -12.06 -11.17
CA ARG A 302 9.04 -11.15 -11.56
C ARG A 302 10.15 -11.12 -10.53
N VAL A 303 9.82 -11.31 -9.25
CA VAL A 303 10.79 -11.25 -8.17
C VAL A 303 10.76 -12.58 -7.42
N LYS A 304 11.90 -13.26 -7.39
CA LYS A 304 12.08 -14.46 -6.59
C LYS A 304 13.14 -14.20 -5.54
N VAL A 305 12.93 -14.69 -4.32
CA VAL A 305 13.83 -14.42 -3.22
C VAL A 305 13.89 -15.65 -2.31
N ASN A 306 15.04 -15.83 -1.66
CA ASN A 306 15.26 -16.92 -0.72
C ASN A 306 16.18 -16.44 0.38
N PHE A 307 15.71 -16.45 1.62
CA PHE A 307 16.46 -15.95 2.76
C PHE A 307 17.12 -17.06 3.56
N GLY A 308 16.99 -18.32 3.15
CA GLY A 308 17.47 -19.45 3.89
C GLY A 308 16.39 -20.47 4.11
N LYS A 309 16.74 -21.52 4.85
CA LYS A 309 15.84 -22.63 5.11
C LYS A 309 15.37 -22.61 6.55
N THR A 310 14.08 -22.85 6.75
CA THR A 310 13.48 -22.99 8.07
C THR A 310 13.37 -24.46 8.42
N GLU A 311 13.64 -24.78 9.69
CA GLU A 311 13.51 -26.16 10.16
C GLU A 311 12.12 -26.71 9.84
N GLU A 312 12.08 -27.96 9.39
CA GLU A 312 10.84 -28.53 8.88
C GLU A 312 9.76 -28.59 9.95
N ASP A 313 10.14 -28.74 11.22
CA ASP A 313 9.15 -28.80 12.28
C ASP A 313 8.42 -27.47 12.43
N VAL A 314 9.07 -26.36 12.07
CA VAL A 314 8.42 -25.05 12.12
C VAL A 314 7.69 -24.74 10.82
N ALA A 315 8.32 -25.03 9.68
CA ALA A 315 7.74 -24.69 8.39
C ALA A 315 6.46 -25.46 8.09
N LYS A 316 6.20 -26.55 8.82
CA LYS A 316 4.97 -27.32 8.63
C LYS A 316 3.80 -26.76 9.43
N LEU A 317 4.03 -25.78 10.29
CA LEU A 317 2.97 -25.23 11.11
C LEU A 317 2.03 -24.37 10.27
N PRO A 318 0.73 -24.37 10.55
CA PRO A 318 -0.15 -23.39 9.94
C PRO A 318 0.22 -21.98 10.35
N THR A 319 -0.15 -21.02 9.52
CA THR A 319 0.31 -19.64 9.67
C THR A 319 0.05 -19.05 11.06
N PRO A 320 -1.14 -19.19 11.67
CA PRO A 320 -1.31 -18.64 13.02
C PRO A 320 -0.37 -19.26 14.04
N LYS A 321 -0.15 -20.57 13.97
CA LYS A 321 0.76 -21.21 14.92
C LYS A 321 2.21 -20.89 14.59
N ARG A 322 2.54 -20.80 13.29
CA ARG A 322 3.88 -20.41 12.90
C ARG A 322 4.22 -19.01 13.37
N LEU A 323 3.23 -18.11 13.40
CA LEU A 323 3.47 -16.77 13.92
C LEU A 323 3.73 -16.80 15.42
N GLU A 324 2.92 -17.56 16.17
CA GLU A 324 3.15 -17.71 17.61
C GLU A 324 4.53 -18.30 17.88
N ALA A 325 4.96 -19.25 17.05
CA ALA A 325 6.31 -19.78 17.19
C ALA A 325 7.35 -18.71 16.90
N TYR A 326 7.06 -17.81 15.96
CA TYR A 326 8.00 -16.75 15.62
C TYR A 326 8.17 -15.77 16.78
N LYS A 327 7.09 -15.47 17.50
CA LYS A 327 7.18 -14.52 18.61
C LYS A 327 8.08 -15.05 19.73
N LYS A 328 8.12 -16.37 19.92
CA LYS A 328 9.02 -16.94 20.91
C LYS A 328 10.43 -17.10 20.33
N ASN A 329 10.53 -17.60 19.11
CA ASN A 329 11.82 -17.78 18.44
C ASN A 329 11.75 -17.15 17.05
N PRO A 330 12.21 -15.91 16.88
CA PRO A 330 12.09 -15.22 15.59
C PRO A 330 13.16 -15.66 14.58
N ALA A 331 13.20 -16.96 14.31
CA ALA A 331 14.14 -17.57 13.37
C ALA A 331 13.34 -18.36 12.35
N ASP A 332 12.93 -17.70 11.26
CA ASP A 332 12.09 -18.31 10.25
C ASP A 332 12.27 -17.57 8.94
N PRO A 333 13.36 -17.85 8.22
CA PRO A 333 13.59 -17.14 6.94
C PRO A 333 12.51 -17.40 5.90
N ASP A 334 11.89 -18.58 5.90
CA ASP A 334 10.84 -18.85 4.92
C ASP A 334 9.58 -18.04 5.21
N LEU A 335 9.28 -17.81 6.50
CA LEU A 335 8.12 -16.98 6.84
C LEU A 335 8.36 -15.53 6.43
N GLU A 336 9.59 -15.04 6.58
CA GLU A 336 9.89 -13.67 6.18
C GLU A 336 9.81 -13.51 4.66
N GLU A 337 10.19 -14.54 3.91
CA GLU A 337 9.99 -14.51 2.46
C GLU A 337 8.51 -14.44 2.12
N THR A 338 7.68 -15.19 2.86
CA THR A 338 6.24 -15.11 2.66
C THR A 338 5.73 -13.71 2.99
N MET A 339 6.21 -13.12 4.09
CA MET A 339 5.83 -11.75 4.44
C MET A 339 6.22 -10.78 3.34
N PHE A 340 7.42 -10.93 2.79
CA PHE A 340 7.87 -10.06 1.70
C PHE A 340 7.00 -10.23 0.46
N GLN A 341 6.75 -11.47 0.06
CA GLN A 341 5.96 -11.71 -1.14
C GLN A 341 4.49 -11.40 -0.93
N PHE A 342 3.99 -11.51 0.31
CA PHE A 342 2.61 -11.15 0.59
C PHE A 342 2.37 -9.67 0.33
N GLY A 343 3.36 -8.83 0.64
CA GLY A 343 3.24 -7.41 0.36
C GLY A 343 3.18 -7.12 -1.13
N ARG A 344 3.96 -7.86 -1.92
CA ARG A 344 3.86 -7.74 -3.38
C ARG A 344 2.51 -8.24 -3.86
N TYR A 345 2.04 -9.36 -3.31
CA TYR A 345 0.72 -9.89 -3.67
C TYR A 345 -0.38 -8.87 -3.41
N LEU A 346 -0.34 -8.22 -2.24
CA LEU A 346 -1.40 -7.29 -1.88
C LEU A 346 -1.35 -6.04 -2.75
N LEU A 347 -0.15 -5.56 -3.08
CA LEU A 347 -0.04 -4.37 -3.91
C LEU A 347 -0.56 -4.62 -5.32
N LEU A 348 -0.16 -5.74 -5.92
CA LEU A 348 -0.65 -6.06 -7.27
C LEU A 348 -2.13 -6.38 -7.28
N SER A 349 -2.69 -6.81 -6.15
CA SER A 349 -4.10 -7.14 -6.06
C SER A 349 -4.98 -5.92 -5.79
N SER A 350 -4.39 -4.75 -5.59
CA SER A 350 -5.18 -3.56 -5.25
C SER A 350 -4.75 -2.31 -5.98
N SER A 351 -3.81 -2.39 -6.93
CA SER A 351 -3.33 -1.19 -7.61
C SER A 351 -2.95 -1.56 -9.04
N ARG A 352 -3.71 -1.02 -9.98
CA ARG A 352 -3.44 -1.34 -11.40
C ARG A 352 -3.62 -0.05 -12.20
N PRO A 353 -2.88 0.12 -13.31
CA PRO A 353 -3.07 1.28 -14.16
C PRO A 353 -4.54 1.30 -14.62
N GLY A 354 -5.18 2.46 -14.57
CA GLY A 354 -6.57 2.57 -15.05
C GLY A 354 -7.57 2.54 -13.91
N THR A 355 -7.10 2.20 -12.73
CA THR A 355 -7.97 2.17 -11.54
C THR A 355 -7.39 3.07 -10.45
N LEU A 356 -8.08 3.16 -9.33
CA LEU A 356 -7.67 3.98 -8.20
C LEU A 356 -6.52 3.33 -7.44
N PRO A 357 -5.75 4.13 -6.70
CA PRO A 357 -4.64 3.56 -5.93
C PRO A 357 -5.14 2.85 -4.68
N ALA A 358 -4.23 2.07 -4.08
CA ALA A 358 -4.56 1.34 -2.87
C ALA A 358 -4.74 2.30 -1.70
N ASN A 359 -5.83 2.13 -0.95
CA ASN A 359 -6.10 3.00 0.18
C ASN A 359 -5.51 2.39 1.45
N LEU A 360 -5.96 2.86 2.61
CA LEU A 360 -5.39 2.43 3.89
C LEU A 360 -5.41 0.91 4.05
N GLN A 361 -6.40 0.24 3.47
CA GLN A 361 -6.56 -1.20 3.60
C GLN A 361 -6.49 -1.88 2.23
N GLY A 362 -5.64 -1.37 1.35
CA GLY A 362 -5.57 -1.86 -0.01
C GLY A 362 -6.86 -1.58 -0.76
N LEU A 363 -7.70 -2.59 -0.92
CA LEU A 363 -9.07 -2.38 -1.40
C LEU A 363 -10.08 -3.18 -0.60
N TRP A 364 -9.69 -3.74 0.55
CA TRP A 364 -10.53 -4.64 1.33
C TRP A 364 -11.05 -3.91 2.57
N ASN A 365 -12.37 -3.84 2.70
CA ASN A 365 -12.98 -3.11 3.80
C ASN A 365 -14.43 -3.52 3.96
N ASP A 366 -14.82 -3.88 5.18
CA ASP A 366 -16.21 -4.20 5.49
C ASP A 366 -16.84 -3.21 6.46
N TYR A 367 -16.14 -2.13 6.80
CA TYR A 367 -16.69 -1.10 7.67
C TYR A 367 -17.57 -0.15 6.87
N VAL A 368 -18.75 0.18 7.42
CA VAL A 368 -19.50 1.29 6.87
C VAL A 368 -18.91 2.62 7.33
N LYS A 369 -18.22 2.62 8.48
CA LYS A 369 -17.50 3.79 8.98
C LYS A 369 -16.11 3.33 9.40
N PRO A 370 -15.18 3.27 8.45
CA PRO A 370 -13.87 2.65 8.72
C PRO A 370 -12.98 3.55 9.56
N PRO A 371 -11.93 3.00 10.15
CA PRO A 371 -10.95 3.85 10.85
C PRO A 371 -10.21 4.74 9.86
N TRP A 372 -10.17 6.04 10.19
CA TRP A 372 -9.58 7.05 9.31
C TRP A 372 -10.20 7.04 7.92
N ALA A 373 -11.46 6.61 7.86
CA ALA A 373 -12.21 6.59 6.60
C ALA A 373 -11.62 5.67 5.51
N CYS A 374 -10.68 4.81 5.87
CA CYS A 374 -10.02 3.94 4.89
C CYS A 374 -9.69 4.78 3.67
N ASP A 375 -9.19 5.99 3.90
CA ASP A 375 -8.94 6.89 2.80
C ASP A 375 -7.51 6.95 2.29
N TYR A 376 -7.17 8.05 1.66
CA TYR A 376 -5.82 8.23 1.17
C TYR A 376 -5.14 9.23 2.07
N HIS A 377 -4.25 8.72 2.92
CA HIS A 377 -3.54 9.57 3.86
C HIS A 377 -2.18 9.90 3.28
N ASN A 378 -1.95 11.16 2.95
CA ASN A 378 -0.70 11.57 2.32
C ASN A 378 0.41 11.91 3.32
N ASN A 379 0.12 11.70 4.59
CA ASN A 379 1.13 11.94 5.65
C ASN A 379 2.23 10.83 5.69
N ILE A 380 1.95 9.71 5.00
CA ILE A 380 2.93 8.64 4.86
C ILE A 380 2.30 7.37 4.33
N ASN A 381 1.07 7.07 4.74
CA ASN A 381 0.46 5.79 4.39
C ASN A 381 0.35 5.52 2.89
N VAL A 382 -0.12 6.50 2.12
CA VAL A 382 -0.28 6.29 0.70
C VAL A 382 1.10 6.19 0.08
N GLN A 383 2.06 6.94 0.58
CA GLN A 383 3.42 6.83 0.08
C GLN A 383 3.98 5.45 0.38
N MET A 384 3.83 4.99 1.62
CA MET A 384 4.34 3.70 2.04
C MET A 384 3.74 2.58 1.22
N ALA A 385 2.47 2.73 0.87
CA ALA A 385 1.81 1.73 0.07
C ALA A 385 2.56 1.44 -1.20
N TYR A 386 3.31 2.41 -1.69
CA TYR A 386 4.00 2.22 -2.97
C TYR A 386 5.51 2.24 -2.81
N TRP A 387 6.01 1.90 -1.62
CA TRP A 387 7.45 1.85 -1.43
C TRP A 387 8.07 0.71 -2.23
N GLY A 388 7.41 -0.44 -2.27
CA GLY A 388 7.89 -1.58 -3.02
C GLY A 388 7.49 -1.63 -4.46
N ALA A 389 6.71 -0.65 -4.95
CA ALA A 389 6.21 -0.70 -6.32
C ALA A 389 7.36 -0.75 -7.33
N GLU A 390 8.33 0.14 -7.19
CA GLU A 390 9.44 0.16 -8.14
C GLU A 390 10.47 -0.92 -7.85
N PRO A 391 11.06 -0.98 -6.64
CA PRO A 391 12.17 -1.93 -6.44
C PRO A 391 11.75 -3.40 -6.49
N ALA A 392 10.50 -3.72 -6.14
CA ALA A 392 10.02 -5.09 -6.21
C ALA A 392 9.35 -5.42 -7.54
N ASN A 393 9.64 -4.65 -8.58
CA ASN A 393 9.25 -4.96 -9.96
C ASN A 393 7.73 -5.04 -10.11
N LEU A 394 7.05 -4.00 -9.62
CA LEU A 394 5.62 -3.82 -9.80
C LEU A 394 5.33 -2.39 -10.25
N SER A 395 6.05 -1.97 -11.29
CA SER A 395 6.09 -0.57 -11.66
C SER A 395 4.76 -0.06 -12.19
N GLU A 396 4.01 -0.89 -12.92
CA GLU A 396 2.72 -0.46 -13.43
C GLU A 396 1.72 -0.21 -12.30
N CYS A 397 1.89 -0.85 -11.15
CA CYS A 397 1.05 -0.54 -10.00
C CYS A 397 1.24 0.91 -9.55
N HIS A 398 2.45 1.45 -9.74
CA HIS A 398 2.73 2.83 -9.35
C HIS A 398 1.95 3.82 -10.20
N GLU A 399 1.58 3.44 -11.42
CA GLU A 399 0.85 4.34 -12.30
C GLU A 399 -0.50 4.74 -11.69
N ALA A 400 -1.11 3.85 -10.90
CA ALA A 400 -2.38 4.19 -10.27
C ALA A 400 -2.25 5.38 -9.34
N LEU A 401 -1.10 5.50 -8.65
CA LEU A 401 -0.90 6.61 -7.73
C LEU A 401 -0.70 7.92 -8.48
N VAL A 402 0.13 7.90 -9.53
CA VAL A 402 0.43 9.12 -10.27
C VAL A 402 -0.81 9.62 -11.01
N ASN A 403 -1.53 8.71 -11.68
CA ASN A 403 -2.76 9.11 -12.35
C ASN A 403 -3.76 9.68 -11.36
N TYR A 404 -3.79 9.15 -10.14
CA TYR A 404 -4.71 9.64 -9.12
C TYR A 404 -4.31 11.03 -8.64
N VAL A 405 -3.02 11.21 -8.34
CA VAL A 405 -2.53 12.52 -7.91
C VAL A 405 -2.83 13.58 -8.97
N GLU A 406 -2.68 13.21 -10.24
CA GLU A 406 -2.98 14.14 -11.32
C GLU A 406 -4.48 14.40 -11.43
N ALA A 407 -5.30 13.35 -11.24
CA ALA A 407 -6.74 13.51 -11.36
C ALA A 407 -7.33 14.30 -10.19
N MET A 408 -6.76 14.13 -9.00
CA MET A 408 -7.21 14.87 -7.83
C MET A 408 -6.72 16.32 -7.82
N ALA A 409 -5.74 16.64 -8.67
CA ALA A 409 -5.09 17.95 -8.60
C ALA A 409 -6.05 19.13 -8.78
N PRO A 410 -7.03 19.11 -9.70
CA PRO A 410 -7.95 20.26 -9.78
C PRO A 410 -8.65 20.56 -8.47
N GLY A 411 -9.02 19.53 -7.70
CA GLY A 411 -9.62 19.77 -6.40
C GLY A 411 -8.63 20.35 -5.40
N CYS A 412 -7.37 19.91 -5.46
CA CYS A 412 -6.36 20.45 -4.57
C CYS A 412 -6.08 21.91 -4.88
N ARG A 413 -6.09 22.29 -6.16
CA ARG A 413 -5.92 23.69 -6.52
C ARG A 413 -7.09 24.53 -6.02
N ASP A 414 -8.29 23.98 -6.04
CA ASP A 414 -9.45 24.69 -5.51
C ASP A 414 -9.27 24.99 -4.02
N ALA A 415 -8.95 23.96 -3.23
CA ALA A 415 -8.81 24.15 -1.80
C ALA A 415 -7.58 24.99 -1.46
N SER A 416 -6.50 24.84 -2.23
CA SER A 416 -5.28 25.59 -1.95
C SER A 416 -5.45 27.07 -2.25
N GLN A 417 -6.05 27.39 -3.40
CA GLN A 417 -6.25 28.79 -3.77
C GLN A 417 -7.33 29.45 -2.91
N ALA A 418 -8.22 28.66 -2.31
CA ALA A 418 -9.24 29.21 -1.42
C ALA A 418 -8.71 29.50 -0.02
N ASN A 419 -7.49 29.08 0.29
CA ASN A 419 -6.89 29.32 1.60
C ASN A 419 -6.07 30.60 1.53
N LYS A 420 -6.55 31.66 2.20
CA LYS A 420 -5.82 32.91 2.24
C LYS A 420 -4.50 32.77 3.00
N GLY A 421 -4.37 31.74 3.83
CA GLY A 421 -3.10 31.49 4.50
C GLY A 421 -1.98 31.11 3.55
N PHE A 422 -2.31 30.71 2.32
CA PHE A 422 -1.33 30.41 1.29
C PHE A 422 -1.06 31.60 0.38
N ASN A 423 -1.79 32.70 0.55
CA ASN A 423 -1.65 33.84 -0.35
C ASN A 423 -0.21 34.36 -0.37
N THR A 424 0.19 34.87 -1.53
CA THR A 424 1.55 35.38 -1.71
C THR A 424 1.70 36.73 -1.01
N LYS A 425 2.91 37.29 -1.09
CA LYS A 425 3.18 38.58 -0.47
C LYS A 425 2.39 39.72 -1.13
N ASP A 426 1.96 39.54 -2.38
CA ASP A 426 1.18 40.55 -3.09
C ASP A 426 -0.32 40.36 -2.93
N GLY A 427 -0.76 39.54 -1.98
CA GLY A 427 -2.17 39.33 -1.76
C GLY A 427 -2.88 38.50 -2.81
N LYS A 428 -2.14 37.80 -3.68
CA LYS A 428 -2.72 36.96 -4.70
C LYS A 428 -2.75 35.51 -4.25
N PRO A 429 -3.67 34.70 -4.78
CA PRO A 429 -3.70 33.28 -4.41
C PRO A 429 -2.42 32.58 -4.84
N VAL A 430 -2.08 31.52 -4.09
CA VAL A 430 -0.83 30.80 -4.35
C VAL A 430 -0.92 30.06 -5.67
N ARG A 431 0.23 29.88 -6.31
CA ARG A 431 0.31 29.06 -7.51
C ARG A 431 0.36 27.58 -7.12
N GLY A 432 0.11 26.73 -8.11
CA GLY A 432 0.17 25.30 -7.86
C GLY A 432 -0.88 24.86 -6.87
N TRP A 433 -0.50 23.90 -6.02
CA TRP A 433 -1.43 23.33 -5.05
C TRP A 433 -0.64 22.55 -4.02
N THR A 434 -1.32 22.24 -2.91
CA THR A 434 -0.89 21.21 -1.99
C THR A 434 -2.15 20.51 -1.49
N VAL A 435 -2.00 19.66 -0.47
CA VAL A 435 -3.08 18.78 -0.05
C VAL A 435 -3.31 18.91 1.45
N ARG A 436 -4.51 18.51 1.87
CA ARG A 436 -4.77 18.24 3.27
C ARG A 436 -4.32 16.81 3.59
N THR A 437 -4.37 16.48 4.89
CA THR A 437 -3.86 15.18 5.33
C THR A 437 -4.62 14.01 4.70
N SER A 438 -5.92 14.19 4.47
CA SER A 438 -6.76 13.12 3.93
C SER A 438 -7.35 13.54 2.59
N GLN A 439 -7.49 12.56 1.69
CA GLN A 439 -8.03 12.80 0.36
C GLN A 439 -9.01 11.68 0.01
N ASN A 440 -10.06 12.03 -0.73
CA ASN A 440 -10.99 11.05 -1.25
C ASN A 440 -10.79 10.92 -2.76
N ILE A 441 -11.74 10.28 -3.44
CA ILE A 441 -11.64 10.03 -4.87
C ILE A 441 -12.41 11.06 -5.69
N PHE A 442 -12.90 12.12 -5.07
CA PHE A 442 -13.63 13.18 -5.77
C PHE A 442 -12.93 14.53 -5.66
N GLY A 443 -11.60 14.51 -5.57
CA GLY A 443 -10.85 15.75 -5.42
C GLY A 443 -11.05 16.46 -4.10
N GLY A 444 -11.65 15.78 -3.13
CA GLY A 444 -11.86 16.37 -1.82
C GLY A 444 -10.69 16.22 -0.90
N ASN A 445 -10.48 17.24 -0.06
CA ASN A 445 -9.39 17.20 0.89
C ASN A 445 -9.96 17.32 2.29
N GLY A 446 -9.46 16.50 3.20
CA GLY A 446 -10.01 16.49 4.55
C GLY A 446 -9.08 16.73 5.70
N TRP A 447 -9.58 17.42 6.72
CA TRP A 447 -8.79 17.68 7.93
C TRP A 447 -7.65 18.65 7.74
N GLN A 448 -6.65 18.58 8.60
CA GLN A 448 -5.55 19.55 8.57
C GLN A 448 -4.74 19.60 7.29
N TRP A 449 -4.16 20.76 7.05
CA TRP A 449 -3.33 20.91 5.88
C TRP A 449 -1.99 20.21 5.99
N ASN A 450 -1.63 19.42 4.99
CA ASN A 450 -0.32 18.76 4.93
C ASN A 450 0.49 19.53 3.88
N ILE A 451 1.14 20.61 4.33
CA ILE A 451 1.75 21.56 3.39
C ILE A 451 2.82 20.90 2.51
N PRO A 452 3.78 20.12 3.04
CA PRO A 452 4.76 19.49 2.15
C PRO A 452 4.26 18.18 1.55
N GLY A 453 2.93 17.98 1.56
CA GLY A 453 2.38 16.73 1.06
C GLY A 453 2.53 16.58 -0.45
N ALA A 454 2.27 17.65 -1.20
CA ALA A 454 2.43 17.60 -2.65
C ALA A 454 3.88 17.36 -3.04
N ALA A 455 4.82 17.89 -2.25
CA ALA A 455 6.24 17.62 -2.52
C ALA A 455 6.55 16.14 -2.36
N TRP A 456 5.91 15.48 -1.39
CA TRP A 456 6.14 14.04 -1.22
C TRP A 456 5.60 13.26 -2.41
N TYR A 457 4.41 13.63 -2.91
CA TYR A 457 3.91 13.04 -4.15
C TYR A 457 4.91 13.21 -5.28
N ALA A 458 5.56 14.37 -5.35
CA ALA A 458 6.51 14.65 -6.43
C ALA A 458 7.70 13.70 -6.39
N LEU A 459 8.09 13.24 -5.18
CA LEU A 459 9.13 12.22 -5.10
C LEU A 459 8.68 10.94 -5.77
N HIS A 460 7.45 10.50 -5.49
CA HIS A 460 6.90 9.33 -6.16
C HIS A 460 6.78 9.55 -7.67
N ILE A 461 6.36 10.75 -8.06
CA ILE A 461 6.25 11.07 -9.49
C ILE A 461 7.61 10.94 -10.17
N TRP A 462 8.67 11.43 -9.50
CA TRP A 462 10.01 11.35 -10.08
C TRP A 462 10.51 9.91 -10.09
N GLU A 463 10.36 9.19 -8.95
CA GLU A 463 10.96 7.87 -8.83
C GLU A 463 10.38 6.89 -9.84
N HIS A 464 9.16 7.13 -10.32
CA HIS A 464 8.61 6.28 -11.37
C HIS A 464 9.40 6.43 -12.66
N TYR A 465 9.83 7.65 -13.00
CA TYR A 465 10.73 7.82 -14.14
C TYR A 465 12.12 7.27 -13.82
N ALA A 466 12.61 7.53 -12.60
CA ALA A 466 13.96 7.12 -12.25
C ALA A 466 14.16 5.61 -12.39
N PHE A 467 13.13 4.82 -12.11
CA PHE A 467 13.23 3.37 -12.17
C PHE A 467 12.88 2.80 -13.54
N THR A 468 12.23 3.57 -14.41
CA THR A 468 11.82 3.08 -15.72
C THR A 468 12.51 3.78 -16.88
N GLY A 469 12.93 5.03 -16.72
CA GLY A 469 13.49 5.77 -17.84
C GLY A 469 12.48 6.14 -18.89
N ASP A 470 11.19 6.10 -18.58
CA ASP A 470 10.15 6.45 -19.54
C ASP A 470 10.13 7.95 -19.77
N ARG A 471 10.77 8.39 -20.84
CA ARG A 471 10.84 9.81 -21.14
C ARG A 471 9.48 10.39 -21.49
N LYS A 472 8.67 9.63 -22.20
CA LYS A 472 7.31 10.08 -22.52
C LYS A 472 6.52 10.31 -21.24
N TYR A 473 6.64 9.39 -20.29
CA TYR A 473 5.98 9.62 -19.01
C TYR A 473 6.51 10.89 -18.35
N LEU A 474 7.83 11.11 -18.39
CA LEU A 474 8.42 12.27 -17.75
C LEU A 474 7.90 13.57 -18.38
N GLU A 475 7.81 13.61 -19.71
CA GLU A 475 7.45 14.86 -20.37
C GLU A 475 5.94 15.10 -20.38
N LYS A 476 5.15 14.04 -20.57
CA LYS A 476 3.71 14.23 -20.71
C LYS A 476 3.00 14.41 -19.37
N GLN A 477 3.47 13.77 -18.31
CA GLN A 477 2.73 13.75 -17.06
C GLN A 477 3.58 14.16 -15.86
N ALA A 478 4.78 13.59 -15.75
CA ALA A 478 5.60 13.80 -14.56
C ALA A 478 6.07 15.24 -14.44
N TYR A 479 6.82 15.72 -15.44
CA TYR A 479 7.37 17.06 -15.35
C TYR A 479 6.33 18.16 -15.20
N PRO A 480 5.20 18.16 -15.93
CA PRO A 480 4.19 19.19 -15.66
C PRO A 480 3.69 19.21 -14.24
N LEU A 481 3.52 18.05 -13.61
CA LEU A 481 3.08 18.00 -12.23
C LEU A 481 4.16 18.51 -11.27
N MET A 482 5.41 18.09 -11.50
CA MET A 482 6.49 18.50 -10.61
C MET A 482 6.72 20.00 -10.65
N LYS A 483 6.66 20.61 -11.83
CA LYS A 483 6.87 22.04 -11.96
C LYS A 483 5.79 22.83 -11.23
N GLU A 484 4.53 22.38 -11.33
CA GLU A 484 3.45 23.05 -10.63
C GLU A 484 3.64 22.97 -9.12
N ILE A 485 4.07 21.81 -8.62
CA ILE A 485 4.35 21.67 -7.19
C ILE A 485 5.52 22.55 -6.80
N CYS A 486 6.50 22.71 -7.69
CA CYS A 486 7.58 23.67 -7.44
C CYS A 486 7.06 25.09 -7.39
N HIS A 487 6.08 25.41 -8.25
CA HIS A 487 5.54 26.77 -8.27
C HIS A 487 4.88 27.14 -6.95
N PHE A 488 4.23 26.17 -6.30
CA PHE A 488 3.65 26.43 -4.99
C PHE A 488 4.72 26.87 -4.00
N TRP A 489 5.86 26.18 -3.99
CA TRP A 489 6.90 26.47 -3.01
C TRP A 489 7.71 27.71 -3.38
N GLU A 490 7.78 28.06 -4.66
CA GLU A 490 8.37 29.34 -5.03
C GLU A 490 7.58 30.50 -4.45
N ASP A 491 6.26 30.34 -4.32
CA ASP A 491 5.43 31.39 -3.75
C ASP A 491 5.43 31.34 -2.22
N HIS A 492 5.46 30.14 -1.65
CA HIS A 492 5.26 29.96 -0.22
C HIS A 492 6.54 30.08 0.60
N LEU A 493 7.71 29.90 -0.01
CA LEU A 493 8.96 29.95 0.75
C LEU A 493 9.16 31.34 1.35
N LYS A 494 9.74 31.38 2.54
CA LYS A 494 10.00 32.60 3.27
C LYS A 494 11.50 32.86 3.33
N GLU A 495 11.89 34.12 3.15
CA GLU A 495 13.30 34.51 3.15
C GLU A 495 13.68 35.04 4.52
N LEU A 496 14.83 34.59 5.02
CA LEU A 496 15.37 35.03 6.30
C LEU A 496 16.58 35.93 6.08
N GLY A 497 16.70 36.96 6.92
CA GLY A 497 17.86 37.83 6.87
C GLY A 497 19.06 37.21 7.55
N ALA A 498 20.11 38.02 7.67
CA ALA A 498 21.33 37.57 8.32
C ALA A 498 21.05 37.20 9.78
N GLY A 499 21.61 36.07 10.21
CA GLY A 499 21.33 35.58 11.55
C GLY A 499 19.91 35.13 11.78
N GLY A 500 19.17 34.84 10.71
CA GLY A 500 17.77 34.48 10.82
C GLY A 500 16.93 35.60 11.38
N GLU A 501 16.96 36.75 10.70
CA GLU A 501 16.32 37.95 11.24
C GLU A 501 14.82 37.76 11.40
N GLY A 502 14.15 37.27 10.36
CA GLY A 502 12.71 37.09 10.39
C GLY A 502 12.24 35.77 10.95
N PHE A 503 13.12 35.00 11.59
CA PHE A 503 12.75 33.68 12.10
C PHE A 503 11.63 33.79 13.13
N LYS A 504 10.67 32.88 13.03
CA LYS A 504 9.53 32.85 13.93
C LYS A 504 9.31 31.43 14.43
N THR A 505 8.99 31.31 15.72
CA THR A 505 8.70 30.03 16.35
C THR A 505 7.41 30.17 17.16
N ASN A 506 6.43 29.31 16.86
CA ASN A 506 5.09 29.40 17.46
C ASN A 506 4.48 30.79 17.27
N GLY A 507 4.85 31.45 16.17
CA GLY A 507 4.40 32.80 15.90
C GLY A 507 5.20 33.90 16.57
N LYS A 508 6.10 33.54 17.46
CA LYS A 508 6.88 34.53 18.19
C LYS A 508 8.34 34.50 17.81
N ASP A 509 9.06 35.57 18.14
CA ASP A 509 10.48 35.66 17.82
C ASP A 509 11.31 34.74 18.70
N PRO A 510 12.53 34.43 18.25
CA PRO A 510 13.38 33.49 19.01
C PRO A 510 13.96 34.04 20.29
N SER A 511 14.10 33.21 21.32
CA SER A 511 14.75 33.67 22.54
C SER A 511 16.23 33.94 22.27
N GLU A 512 16.91 34.46 23.31
CA GLU A 512 18.33 34.74 23.18
C GLU A 512 19.12 33.45 22.97
N GLU A 513 18.70 32.36 23.60
CA GLU A 513 19.38 31.08 23.41
C GLU A 513 19.05 30.49 22.05
N GLU A 514 17.79 30.60 21.62
CA GLU A 514 17.40 30.08 20.31
C GLU A 514 18.07 30.86 19.19
N LYS A 515 18.27 32.17 19.37
CA LYS A 515 18.93 32.98 18.35
C LYS A 515 20.38 32.59 18.15
N LYS A 516 21.00 31.92 19.13
CA LYS A 516 22.37 31.48 18.97
C LYS A 516 22.49 30.38 17.92
N ASP A 517 21.45 29.54 17.78
CA ASP A 517 21.47 28.49 16.78
C ASP A 517 21.34 29.04 15.36
N LEU A 518 20.86 30.27 15.21
CA LEU A 518 20.66 30.89 13.91
C LEU A 518 21.80 31.84 13.53
N ALA A 519 22.90 31.82 14.27
CA ALA A 519 23.97 32.78 14.04
C ALA A 519 24.63 32.59 12.67
N ASP A 520 24.69 31.36 12.18
CA ASP A 520 25.33 31.08 10.90
C ASP A 520 24.36 31.19 9.72
N VAL A 521 23.12 31.59 9.96
CA VAL A 521 22.13 31.69 8.89
C VAL A 521 22.47 32.88 8.00
N LYS A 522 22.76 32.61 6.73
CA LYS A 522 23.10 33.67 5.79
C LYS A 522 21.84 34.37 5.30
N ALA A 523 22.00 35.64 4.93
CA ALA A 523 20.89 36.41 4.39
C ALA A 523 20.42 35.81 3.07
N GLY A 524 19.11 35.79 2.88
CA GLY A 524 18.51 35.17 1.71
C GLY A 524 18.17 33.70 1.87
N THR A 525 18.39 33.13 3.06
CA THR A 525 18.09 31.73 3.29
C THR A 525 16.58 31.50 3.20
N LEU A 526 16.18 30.48 2.46
CA LEU A 526 14.78 30.15 2.24
C LEU A 526 14.37 29.02 3.17
N VAL A 527 13.23 29.18 3.84
CA VAL A 527 12.72 28.21 4.79
C VAL A 527 11.22 28.05 4.59
N ALA A 528 10.73 26.86 4.89
CA ALA A 528 9.29 26.62 4.91
C ALA A 528 8.69 27.36 6.09
N PRO A 529 7.78 28.30 5.89
CA PRO A 529 7.28 29.10 7.02
C PRO A 529 6.28 28.34 7.87
N ASN A 530 6.46 28.46 9.18
CA ASN A 530 5.50 27.95 10.17
C ASN A 530 5.23 26.46 9.97
N GLY A 531 6.30 25.69 9.82
CA GLY A 531 6.20 24.26 9.59
C GLY A 531 5.98 23.48 10.88
N TRP A 532 5.95 22.17 10.74
CA TRP A 532 5.68 21.28 11.86
C TRP A 532 6.35 19.93 11.60
N SER A 533 7.21 19.49 12.51
CA SER A 533 7.82 18.17 12.37
C SER A 533 6.80 17.18 12.87
N PRO A 534 6.35 16.28 11.99
CA PRO A 534 5.25 15.38 12.35
C PRO A 534 5.17 14.78 13.75
N ALA A 535 4.03 14.99 14.42
CA ALA A 535 3.77 14.39 15.75
C ALA A 535 4.27 15.13 16.99
N HIS A 536 4.96 16.25 16.84
CA HIS A 536 5.39 17.01 18.01
C HIS A 536 6.08 18.31 17.68
N GLY A 537 6.56 19.03 18.70
CA GLY A 537 7.31 20.23 18.41
C GLY A 537 6.44 21.44 18.18
N PRO A 538 7.06 22.61 18.13
CA PRO A 538 6.32 23.84 17.86
C PRO A 538 6.11 24.06 16.37
N ARG A 539 5.20 24.98 16.05
CA ARG A 539 5.07 25.49 14.70
C ARG A 539 6.17 26.52 14.49
N GLU A 540 7.08 26.26 13.54
CA GLU A 540 8.31 27.02 13.48
C GLU A 540 8.91 26.95 12.09
N ASP A 541 9.59 28.02 11.70
CA ASP A 541 10.18 28.10 10.37
C ASP A 541 11.31 27.10 10.20
N GLY A 542 11.47 26.61 8.97
CA GLY A 542 12.63 25.81 8.62
C GLY A 542 12.72 24.47 9.30
N VAL A 543 11.58 23.80 9.49
CA VAL A 543 11.59 22.45 10.03
C VAL A 543 12.33 21.54 9.07
N MET A 544 13.25 20.72 9.61
CA MET A 544 14.11 19.90 8.77
C MET A 544 13.31 19.02 7.83
N HIS A 545 12.21 18.45 8.32
CA HIS A 545 11.35 17.60 7.49
C HIS A 545 10.91 18.32 6.23
N ASP A 546 10.47 19.57 6.37
CA ASP A 546 10.01 20.33 5.21
C ASP A 546 11.17 20.73 4.31
N GLN A 547 12.29 21.14 4.91
CA GLN A 547 13.44 21.55 4.12
C GLN A 547 13.97 20.41 3.25
N GLN A 548 13.97 19.18 3.79
CA GLN A 548 14.44 18.04 3.03
C GLN A 548 13.49 17.70 1.88
N LEU A 549 12.18 17.81 2.12
CA LEU A 549 11.21 17.50 1.07
C LEU A 549 11.30 18.51 -0.07
N ILE A 550 11.45 19.80 0.27
CA ILE A 550 11.50 20.83 -0.77
C ILE A 550 12.80 20.72 -1.56
N ALA A 551 13.91 20.45 -0.87
CA ALA A 551 15.18 20.27 -1.57
C ALA A 551 15.12 19.07 -2.52
N GLU A 552 14.48 17.99 -2.09
CA GLU A 552 14.30 16.84 -2.97
C GLU A 552 13.42 17.19 -4.15
N LEU A 553 12.44 18.08 -3.96
CA LEU A 553 11.53 18.45 -5.03
C LEU A 553 12.21 19.35 -6.05
N PHE A 554 12.95 20.37 -5.58
CA PHE A 554 13.64 21.27 -6.50
C PHE A 554 14.72 20.53 -7.28
N SER A 555 15.50 19.67 -6.60
CA SER A 555 16.59 18.96 -7.26
C SER A 555 16.06 18.02 -8.34
N ASN A 556 15.04 17.23 -8.01
CA ASN A 556 14.49 16.29 -8.98
C ASN A 556 13.85 16.99 -10.16
N THR A 557 13.21 18.15 -9.91
CA THR A 557 12.59 18.89 -11.01
C THR A 557 13.64 19.52 -11.92
N ILE A 558 14.74 20.00 -11.34
CA ILE A 558 15.83 20.52 -12.16
C ILE A 558 16.45 19.41 -13.01
N LYS A 559 16.56 18.21 -12.44
CA LYS A 559 17.04 17.06 -13.21
C LYS A 559 16.09 16.74 -14.36
N ALA A 560 14.78 16.74 -14.10
CA ALA A 560 13.81 16.46 -15.14
C ALA A 560 13.88 17.49 -16.26
N ALA A 561 14.03 18.77 -15.89
CA ALA A 561 14.14 19.82 -16.90
C ALA A 561 15.37 19.62 -17.77
N ARG A 562 16.50 19.25 -17.16
CA ARG A 562 17.72 19.02 -17.94
C ARG A 562 17.56 17.82 -18.85
N ILE A 563 16.93 16.75 -18.37
CA ILE A 563 16.73 15.55 -19.18
C ILE A 563 15.85 15.87 -20.39
N LEU A 564 14.85 16.73 -20.18
CA LEU A 564 13.91 17.09 -21.24
C LEU A 564 14.40 18.24 -22.11
N GLY A 565 15.46 18.92 -21.71
CA GLY A 565 15.89 20.11 -22.43
C GLY A 565 14.84 21.21 -22.42
N LYS A 566 14.22 21.44 -21.26
CA LYS A 566 13.09 22.35 -21.15
C LYS A 566 13.36 23.37 -20.05
N ASP A 567 12.79 24.57 -20.24
CA ASP A 567 12.75 25.61 -19.21
C ASP A 567 14.13 25.85 -18.59
N ALA A 568 15.13 26.06 -19.46
CA ALA A 568 16.50 26.23 -18.99
C ALA A 568 16.63 27.43 -18.06
N ALA A 569 15.96 28.54 -18.41
CA ALA A 569 16.07 29.75 -17.59
C ALA A 569 15.43 29.55 -16.23
N TRP A 570 14.22 28.99 -16.19
CA TRP A 570 13.55 28.77 -14.91
C TRP A 570 14.29 27.76 -14.07
N ALA A 571 14.76 26.66 -14.67
CA ALA A 571 15.50 25.66 -13.91
C ALA A 571 16.78 26.23 -13.33
N LYS A 572 17.46 27.11 -14.08
CA LYS A 572 18.64 27.78 -13.55
C LYS A 572 18.28 28.65 -12.36
N SER A 573 17.10 29.28 -12.40
CA SER A 573 16.65 30.07 -11.24
C SER A 573 16.32 29.17 -10.06
N LEU A 574 15.68 28.02 -10.33
CA LEU A 574 15.34 27.09 -9.25
C LEU A 574 16.59 26.50 -8.61
N GLU A 575 17.65 26.31 -9.39
CA GLU A 575 18.91 25.84 -8.81
C GLU A 575 19.46 26.87 -7.83
N GLY A 576 19.31 28.16 -8.15
CA GLY A 576 19.69 29.19 -7.20
C GLY A 576 18.91 29.08 -5.90
N LYS A 577 17.59 28.96 -5.99
CA LYS A 577 16.76 28.83 -4.80
C LYS A 577 17.10 27.56 -4.02
N LEU A 578 17.42 26.48 -4.73
CA LEU A 578 17.78 25.24 -4.07
C LEU A 578 19.00 25.42 -3.19
N LYS A 579 19.98 26.17 -3.66
CA LYS A 579 21.20 26.38 -2.89
C LYS A 579 21.01 27.28 -1.68
N ARG A 580 19.91 28.03 -1.67
CA ARG A 580 19.65 28.95 -0.57
C ARG A 580 18.70 28.39 0.49
N LEU A 581 18.25 27.16 0.27
CA LEU A 581 17.36 26.53 1.24
C LEU A 581 18.15 26.11 2.48
N ALA A 582 17.60 26.39 3.66
CA ALA A 582 18.24 25.95 4.90
C ALA A 582 18.50 24.45 4.83
N GLY A 583 19.71 24.03 5.17
CA GLY A 583 20.08 22.63 5.05
C GLY A 583 20.14 21.93 6.39
N ASN A 584 20.61 20.69 6.35
CA ASN A 584 20.70 19.85 7.53
C ASN A 584 21.85 20.30 8.43
N LYS A 585 21.69 20.08 9.73
CA LYS A 585 22.70 20.42 10.72
C LYS A 585 22.90 19.25 11.67
N ILE A 586 24.12 19.13 12.20
CA ILE A 586 24.45 18.16 13.23
C ILE A 586 24.40 18.87 14.58
N GLY A 587 23.63 18.32 15.51
CA GLY A 587 23.46 18.95 16.80
C GLY A 587 24.69 18.85 17.67
N LYS A 588 24.65 19.59 18.78
CA LYS A 588 25.76 19.58 19.74
C LYS A 588 25.94 18.22 20.39
N GLU A 589 24.92 17.38 20.38
CA GLU A 589 25.01 16.03 20.94
C GLU A 589 25.35 14.98 19.89
N GLY A 590 25.60 15.39 18.64
CA GLY A 590 25.94 14.47 17.59
C GLY A 590 24.78 13.97 16.75
N ASN A 591 23.55 14.17 17.21
CA ASN A 591 22.38 13.73 16.46
C ASN A 591 22.15 14.63 15.26
N LEU A 592 21.39 14.09 14.28
CA LEU A 592 20.90 14.93 13.20
C LEU A 592 19.76 15.80 13.72
N GLN A 593 19.87 17.10 13.50
CA GLN A 593 18.90 18.04 14.06
C GLN A 593 17.55 17.88 13.37
N GLU A 594 16.49 18.03 14.15
CA GLU A 594 15.13 17.97 13.63
C GLU A 594 14.55 19.34 13.32
N TRP A 595 15.04 20.38 13.98
CA TRP A 595 14.64 21.75 13.70
C TRP A 595 15.90 22.60 13.50
N MET A 596 15.69 23.84 13.05
CA MET A 596 16.79 24.80 13.05
C MET A 596 17.27 25.10 14.46
N ILE A 597 16.43 24.86 15.46
CA ILE A 597 16.81 25.02 16.86
C ILE A 597 17.37 23.69 17.36
N ASP A 598 18.57 23.73 17.93
CA ASP A 598 19.26 22.52 18.39
C ASP A 598 18.64 22.03 19.69
N ARG A 599 17.44 21.47 19.57
CA ARG A 599 16.72 20.97 20.73
C ARG A 599 17.25 19.61 21.15
N ILE A 600 16.94 19.23 22.38
CA ILE A 600 17.35 17.91 22.88
C ILE A 600 16.65 16.83 22.05
N PRO A 601 17.33 15.74 21.70
CA PRO A 601 16.69 14.72 20.86
C PRO A 601 15.45 14.14 21.53
N LYS A 602 14.38 14.00 20.73
CA LYS A 602 13.12 13.43 21.21
C LYS A 602 13.19 11.90 21.11
N THR A 603 14.01 11.33 22.01
CA THR A 603 14.30 9.91 21.95
C THR A 603 13.09 9.04 22.24
N ASP A 604 12.09 9.56 22.94
CA ASP A 604 10.89 8.81 23.25
C ASP A 604 9.82 8.90 22.17
N HIS A 605 10.12 9.56 21.05
CA HIS A 605 9.13 9.80 20.01
C HIS A 605 9.16 8.69 18.97
N ARG A 606 7.98 8.36 18.45
CA ARG A 606 7.84 7.32 17.44
C ARG A 606 8.09 7.79 16.02
N HIS A 607 8.13 9.10 15.79
CA HIS A 607 8.39 9.67 14.48
C HIS A 607 9.85 10.08 14.36
N THR A 608 10.43 9.83 13.18
CA THR A 608 11.76 10.31 12.84
C THR A 608 11.67 11.13 11.55
N SER A 609 10.86 12.20 11.58
CA SER A 609 10.51 12.90 10.35
C SER A 609 11.72 13.59 9.73
N HIS A 610 12.69 14.02 10.53
CA HIS A 610 13.88 14.64 9.98
C HIS A 610 14.85 13.63 9.37
N LEU A 611 14.53 12.33 9.43
CA LEU A 611 15.29 11.31 8.75
C LEU A 611 14.75 11.02 7.35
N PHE A 612 13.79 11.81 6.88
CA PHE A 612 13.27 11.64 5.52
C PHE A 612 14.39 11.68 4.49
N ALA A 613 15.40 12.54 4.73
CA ALA A 613 16.52 12.66 3.79
C ALA A 613 17.29 11.35 3.65
N VAL A 614 17.21 10.47 4.64
CA VAL A 614 17.82 9.15 4.50
C VAL A 614 16.90 8.21 3.72
N PHE A 615 15.63 8.13 4.12
CA PHE A 615 14.62 7.36 3.41
C PHE A 615 13.26 7.95 3.73
N PRO A 616 12.36 8.08 2.75
CA PRO A 616 12.49 7.74 1.33
C PRO A 616 13.22 8.80 0.51
N GLY A 617 13.59 9.92 1.11
CA GLY A 617 14.42 10.88 0.41
C GLY A 617 15.81 10.33 0.14
N ASN A 618 16.54 11.01 -0.73
CA ASN A 618 17.82 10.50 -1.20
C ASN A 618 18.93 11.53 -1.06
N GLN A 619 18.87 12.34 0.01
CA GLN A 619 19.88 13.38 0.21
C GLN A 619 21.04 12.92 1.09
N ILE A 620 20.74 12.18 2.16
CA ILE A 620 21.76 11.71 3.10
C ILE A 620 22.09 10.26 2.78
N SER A 621 23.39 9.99 2.61
CA SER A 621 23.86 8.63 2.37
C SER A 621 25.27 8.51 2.95
N LYS A 622 25.63 7.29 3.35
CA LYS A 622 26.95 7.07 3.93
C LYS A 622 28.05 7.31 2.92
N LEU A 623 27.78 7.07 1.63
CA LEU A 623 28.81 7.25 0.60
C LEU A 623 29.04 8.72 0.29
N LYS A 624 27.97 9.49 0.14
CA LYS A 624 28.08 10.88 -0.29
C LYS A 624 28.19 11.85 0.88
N THR A 625 27.45 11.61 1.96
CA THR A 625 27.44 12.51 3.14
C THR A 625 27.73 11.67 4.37
N PRO A 626 29.01 11.39 4.66
CA PRO A 626 29.32 10.51 5.79
C PRO A 626 29.05 11.14 7.14
N LYS A 627 29.34 12.42 7.31
CA LYS A 627 29.10 13.07 8.59
C LYS A 627 27.62 13.16 8.91
N LEU A 628 26.80 13.54 7.93
CA LEU A 628 25.36 13.59 8.15
C LEU A 628 24.79 12.19 8.38
N ALA A 629 25.31 11.19 7.67
CA ALA A 629 24.81 9.82 7.83
C ALA A 629 25.12 9.28 9.22
N GLU A 630 26.29 9.61 9.78
CA GLU A 630 26.60 9.18 11.13
C GLU A 630 25.71 9.89 12.14
N ALA A 631 25.38 11.16 11.88
CA ALA A 631 24.45 11.87 12.75
C ALA A 631 23.05 11.28 12.69
N ALA A 632 22.60 10.92 11.48
CA ALA A 632 21.29 10.31 11.33
C ALA A 632 21.23 8.94 11.99
N ARG A 633 22.34 8.18 11.94
CA ARG A 633 22.39 6.90 12.61
C ARG A 633 22.33 7.05 14.13
N LEU A 634 22.92 8.11 14.67
CA LEU A 634 22.84 8.36 16.10
C LEU A 634 21.40 8.65 16.52
N SER A 635 20.68 9.46 15.74
CA SER A 635 19.30 9.79 16.06
C SER A 635 18.43 8.53 16.09
N LEU A 636 18.58 7.66 15.10
CA LEU A 636 17.80 6.43 15.06
C LEU A 636 18.22 5.46 16.17
N GLU A 637 19.51 5.44 16.50
CA GLU A 637 19.98 4.54 17.54
C GLU A 637 19.35 4.86 18.88
N TRP A 638 19.14 6.14 19.17
CA TRP A 638 18.57 6.56 20.44
C TRP A 638 17.05 6.47 20.47
N ARG A 639 16.43 5.87 19.46
N ARG A 639 16.43 5.87 19.47
CA ARG A 639 14.99 5.68 19.44
CA ARG A 639 14.98 5.70 19.44
C ARG A 639 14.64 4.30 19.98
C ARG A 639 14.61 4.31 19.94
N GLY A 640 13.55 4.24 20.74
CA GLY A 640 13.09 2.98 21.29
C GLY A 640 12.13 2.25 20.39
N THR A 641 11.93 0.97 20.68
CA THR A 641 11.01 0.11 19.93
C THR A 641 9.88 -0.39 20.82
N THR A 642 9.53 0.36 21.86
CA THR A 642 8.49 -0.01 22.79
C THR A 642 7.38 1.04 22.78
N GLY A 643 6.25 0.68 23.37
CA GLY A 643 5.16 1.63 23.50
C GLY A 643 4.55 1.97 22.15
N ASP A 644 4.30 3.25 21.93
CA ASP A 644 3.68 3.71 20.68
C ASP A 644 4.60 3.59 19.48
N SER A 645 5.86 3.19 19.66
CA SER A 645 6.72 2.89 18.53
C SER A 645 6.36 1.56 17.87
N ARG A 646 5.53 0.74 18.52
CA ARG A 646 5.03 -0.50 17.93
C ARG A 646 3.80 -0.17 17.11
N ARG A 647 4.04 0.28 15.88
CA ARG A 647 2.99 0.62 14.94
C ARG A 647 3.19 -0.17 13.65
N SER A 648 2.16 -0.17 12.80
CA SER A 648 2.29 -0.84 11.52
C SER A 648 3.22 -0.11 10.56
N TRP A 649 3.38 1.20 10.74
CA TRP A 649 4.19 2.01 9.84
C TRP A 649 5.59 2.30 10.37
N THR A 650 5.86 2.04 11.65
CA THR A 650 7.17 2.36 12.22
C THR A 650 8.22 1.33 11.80
N TRP A 651 7.88 0.05 11.90
CA TRP A 651 8.84 -1.00 11.54
C TRP A 651 9.34 -0.89 10.09
N PRO A 652 8.48 -0.75 9.07
CA PRO A 652 9.03 -0.72 7.70
C PRO A 652 9.83 0.53 7.40
N TRP A 653 9.42 1.68 7.94
CA TRP A 653 10.21 2.89 7.77
C TRP A 653 11.58 2.74 8.42
N ARG A 654 11.62 2.15 9.62
CA ARG A 654 12.89 1.97 10.31
C ARG A 654 13.74 0.87 9.68
N THR A 655 13.09 -0.12 9.05
CA THR A 655 13.84 -1.12 8.29
C THR A 655 14.63 -0.47 7.17
N ALA A 656 13.97 0.34 6.35
CA ALA A 656 14.64 0.97 5.21
C ALA A 656 15.70 1.97 5.68
N LEU A 657 15.44 2.67 6.79
CA LEU A 657 16.42 3.63 7.30
C LEU A 657 17.68 2.93 7.76
N TRP A 658 17.54 1.87 8.56
CA TRP A 658 18.72 1.14 9.04
C TRP A 658 19.50 0.55 7.87
N ALA A 659 18.80 0.05 6.84
CA ALA A 659 19.47 -0.52 5.69
C ALA A 659 20.27 0.52 4.94
N ARG A 660 19.71 1.72 4.77
CA ARG A 660 20.42 2.77 4.04
C ARG A 660 21.56 3.38 4.84
N LEU A 661 21.57 3.16 6.15
CA LEU A 661 22.68 3.60 7.00
C LEU A 661 23.72 2.50 7.19
N GLY A 662 23.61 1.39 6.47
CA GLY A 662 24.60 0.33 6.56
C GLY A 662 24.45 -0.58 7.76
N GLU A 663 23.23 -0.82 8.23
CA GLU A 663 22.97 -1.66 9.41
C GLU A 663 21.94 -2.71 9.00
N GLY A 664 22.41 -3.76 8.34
CA GLY A 664 21.52 -4.83 7.94
C GLY A 664 20.95 -5.62 9.11
N ASN A 665 21.73 -5.76 10.18
CA ASN A 665 21.25 -6.51 11.34
C ASN A 665 20.19 -5.72 12.09
N LYS A 666 20.42 -4.43 12.31
CA LYS A 666 19.39 -3.58 12.93
C LYS A 666 18.15 -3.52 12.06
N ALA A 667 18.32 -3.48 10.74
CA ALA A 667 17.18 -3.47 9.83
C ALA A 667 16.38 -4.75 9.93
N HIS A 668 17.06 -5.89 10.06
CA HIS A 668 16.34 -7.15 10.19
C HIS A 668 15.59 -7.25 11.51
N GLU A 669 16.10 -6.61 12.56
CA GLU A 669 15.39 -6.59 13.84
C GLU A 669 14.07 -5.82 13.74
N MET A 670 13.95 -4.91 12.77
CA MET A 670 12.68 -4.24 12.56
C MET A 670 11.71 -5.10 11.76
N VAL A 671 12.23 -5.98 10.90
CA VAL A 671 11.37 -6.98 10.28
C VAL A 671 10.85 -7.95 11.33
N GLN A 672 11.71 -8.33 12.29
CA GLN A 672 11.27 -9.16 13.39
C GLN A 672 10.23 -8.45 14.23
N GLY A 673 10.40 -7.14 14.45
CA GLY A 673 9.44 -6.40 15.24
C GLY A 673 8.07 -6.32 14.59
N LEU A 674 8.04 -6.11 13.27
CA LEU A 674 6.76 -6.08 12.56
C LEU A 674 6.02 -7.42 12.70
N LEU A 675 6.75 -8.52 12.56
CA LEU A 675 6.12 -9.84 12.66
C LEU A 675 5.76 -10.20 14.09
N LYS A 676 6.51 -9.68 15.06
CA LYS A 676 6.30 -10.07 16.44
C LYS A 676 5.17 -9.28 17.11
N PHE A 677 4.97 -8.02 16.71
CA PHE A 677 4.08 -7.14 17.45
C PHE A 677 2.96 -6.50 16.64
N ASN A 678 3.02 -6.51 15.31
CA ASN A 678 2.03 -5.80 14.52
C ASN A 678 1.61 -6.63 13.31
N THR A 679 1.44 -7.94 13.49
CA THR A 679 1.02 -8.83 12.42
C THR A 679 -0.08 -9.75 12.91
N LEU A 680 -1.17 -9.82 12.14
CA LEU A 680 -2.32 -10.63 12.48
C LEU A 680 -2.12 -12.07 12.01
N PRO A 681 -2.91 -13.01 12.55
CA PRO A 681 -2.73 -14.43 12.16
C PRO A 681 -2.85 -14.69 10.67
N ASN A 682 -3.47 -13.80 9.90
CA ASN A 682 -3.52 -13.95 8.45
C ASN A 682 -2.42 -13.18 7.74
N MET A 683 -1.38 -12.77 8.46
CA MET A 683 -0.21 -12.03 8.00
C MET A 683 -0.50 -10.58 7.66
N LEU A 684 -1.74 -10.10 7.83
CA LEU A 684 -2.02 -8.70 7.63
C LEU A 684 -1.47 -7.88 8.80
N THR A 685 -0.86 -6.73 8.48
CA THR A 685 -0.32 -5.87 9.51
C THR A 685 -1.42 -5.06 10.17
N THR A 686 -1.24 -4.78 11.46
CA THR A 686 -2.25 -4.10 12.25
C THR A 686 -1.63 -2.90 12.96
N HIS A 687 -2.38 -1.79 12.98
CA HIS A 687 -1.86 -0.55 13.55
C HIS A 687 -1.76 -0.60 15.07
N PRO A 688 -2.80 -1.01 15.83
CA PRO A 688 -4.14 -1.48 15.45
C PRO A 688 -5.11 -0.34 15.18
N PRO A 689 -6.21 -0.58 14.45
CA PRO A 689 -6.63 -1.87 13.83
C PRO A 689 -5.86 -2.19 12.57
N MET A 690 -6.40 -3.05 11.70
CA MET A 690 -5.68 -3.48 10.51
C MET A 690 -5.37 -2.30 9.60
N GLN A 691 -4.10 -2.15 9.25
CA GLN A 691 -3.64 -1.13 8.32
C GLN A 691 -2.59 -1.77 7.41
N MET A 692 -2.80 -1.67 6.11
CA MET A 692 -1.94 -2.39 5.16
C MET A 692 -0.63 -1.68 4.86
N ASP A 693 -0.37 -0.52 5.47
CA ASP A 693 0.90 0.16 5.21
C ASP A 693 2.07 -0.68 5.67
N GLY A 694 1.88 -1.53 6.69
CA GLY A 694 2.95 -2.41 7.13
C GLY A 694 3.28 -3.48 6.11
N ASN A 695 2.24 -4.11 5.54
CA ASN A 695 2.47 -5.10 4.49
C ASN A 695 3.15 -4.46 3.28
N PHE A 696 2.71 -3.27 2.89
CA PHE A 696 3.28 -2.59 1.74
C PHE A 696 4.71 -2.14 2.00
N GLY A 697 4.91 -1.39 3.10
CA GLY A 697 6.19 -0.75 3.32
C GLY A 697 7.33 -1.71 3.59
N ILE A 698 7.04 -2.87 4.19
CA ILE A 698 8.10 -3.83 4.49
C ILE A 698 8.72 -4.38 3.22
N VAL A 699 8.00 -4.33 2.10
CA VAL A 699 8.58 -4.72 0.82
C VAL A 699 9.72 -3.76 0.44
N GLY A 700 9.46 -2.46 0.53
CA GLY A 700 10.50 -1.49 0.24
C GLY A 700 11.63 -1.54 1.24
N GLY A 701 11.32 -1.86 2.50
CA GLY A 701 12.38 -1.95 3.51
C GLY A 701 13.33 -3.11 3.26
N ILE A 702 12.78 -4.29 2.99
CA ILE A 702 13.61 -5.44 2.69
C ILE A 702 14.38 -5.23 1.39
N CYS A 703 13.77 -4.56 0.42
CA CYS A 703 14.47 -4.26 -0.84
C CYS A 703 15.73 -3.45 -0.60
N GLU A 704 15.66 -2.47 0.31
CA GLU A 704 16.83 -1.66 0.62
C GLU A 704 17.92 -2.48 1.29
N MET A 705 17.54 -3.54 2.01
CA MET A 705 18.54 -4.40 2.62
C MET A 705 19.30 -5.20 1.57
N LEU A 706 18.70 -5.44 0.41
CA LEU A 706 19.33 -6.24 -0.64
C LEU A 706 20.04 -5.37 -1.67
N VAL A 707 19.35 -4.35 -2.20
CA VAL A 707 19.89 -3.53 -3.28
C VAL A 707 19.57 -2.07 -2.99
N GLN A 708 20.54 -1.20 -3.20
CA GLN A 708 20.36 0.25 -3.12
C GLN A 708 20.91 0.88 -4.39
N SER A 709 20.14 1.80 -4.98
CA SER A 709 20.54 2.43 -6.23
C SER A 709 20.26 3.93 -6.24
N HIS A 710 20.28 4.56 -5.07
CA HIS A 710 19.97 5.97 -4.95
C HIS A 710 21.19 6.86 -4.77
N ALA A 711 22.33 6.30 -4.35
CA ALA A 711 23.49 7.10 -4.01
C ALA A 711 24.59 7.00 -5.06
N GLY A 712 24.23 7.23 -6.33
CA GLY A 712 25.23 7.32 -7.38
C GLY A 712 25.73 6.01 -7.92
N GLY A 713 24.99 4.93 -7.74
CA GLY A 713 25.39 3.65 -8.30
C GLY A 713 24.69 2.51 -7.59
N LEU A 714 25.07 1.30 -8.00
CA LEU A 714 24.51 0.07 -7.44
C LEU A 714 25.27 -0.33 -6.19
N ASP A 715 24.54 -0.61 -5.12
CA ASP A 715 25.11 -1.12 -3.87
C ASP A 715 24.43 -2.45 -3.58
N ILE A 716 25.14 -3.54 -3.81
CA ILE A 716 24.60 -4.89 -3.66
C ILE A 716 24.84 -5.34 -2.22
N MET A 717 23.75 -5.51 -1.46
CA MET A 717 23.79 -5.89 -0.05
C MET A 717 24.83 -5.05 0.70
N PRO A 718 24.55 -3.77 0.95
CA PRO A 718 25.59 -2.89 1.52
C PRO A 718 26.13 -3.36 2.86
N SER A 719 25.33 -4.06 3.65
CA SER A 719 25.76 -4.58 4.94
C SER A 719 25.14 -5.96 5.14
N PRO A 720 25.83 -6.85 5.85
CA PRO A 720 25.35 -8.22 5.97
C PRO A 720 24.18 -8.35 6.96
N VAL A 721 23.42 -9.41 6.77
CA VAL A 721 22.27 -9.74 7.62
C VAL A 721 22.54 -11.10 8.23
N GLU A 722 22.87 -11.11 9.52
CA GLU A 722 23.30 -12.36 10.18
C GLU A 722 22.19 -13.40 10.16
N ALA A 723 20.92 -12.98 10.15
CA ALA A 723 19.82 -13.93 10.11
C ALA A 723 19.66 -14.58 8.74
N TRP A 724 20.30 -14.05 7.71
CA TRP A 724 20.27 -14.60 6.36
C TRP A 724 21.70 -14.97 5.94
N PRO A 725 22.26 -16.04 6.50
CA PRO A 725 23.66 -16.38 6.17
C PRO A 725 23.85 -16.84 4.74
N GLU A 726 22.80 -17.29 4.06
CA GLU A 726 22.93 -17.81 2.71
C GLU A 726 21.60 -17.66 1.99
N GLY A 727 21.63 -17.10 0.78
CA GLY A 727 20.41 -16.91 0.03
C GLY A 727 20.69 -16.35 -1.35
N SER A 728 19.62 -15.99 -2.03
CA SER A 728 19.70 -15.45 -3.38
C SER A 728 18.44 -14.64 -3.66
N VAL A 729 18.50 -13.81 -4.70
CA VAL A 729 17.37 -13.00 -5.12
C VAL A 729 17.44 -12.81 -6.64
N LYS A 730 16.27 -12.71 -7.26
CA LYS A 730 16.16 -12.48 -8.69
C LYS A 730 15.02 -11.53 -8.96
N GLY A 731 15.25 -10.55 -9.83
CA GLY A 731 14.19 -9.70 -10.34
C GLY A 731 14.01 -8.37 -9.65
N LEU A 732 14.92 -7.97 -8.76
CA LEU A 732 14.80 -6.67 -8.13
C LEU A 732 15.17 -5.57 -9.12
N LYS A 733 14.58 -4.39 -8.93
CA LYS A 733 14.76 -3.27 -9.86
C LYS A 733 15.64 -2.19 -9.23
N ALA A 734 16.50 -1.61 -10.04
CA ALA A 734 17.36 -0.52 -9.64
C ALA A 734 17.11 0.69 -10.54
N ARG A 735 17.44 1.87 -10.02
CA ARG A 735 17.27 3.09 -10.80
C ARG A 735 18.11 3.03 -12.07
N GLY A 736 17.55 3.54 -13.16
CA GLY A 736 18.10 3.32 -14.48
C GLY A 736 17.48 2.15 -15.21
N ASN A 737 16.41 1.56 -14.68
CA ASN A 737 15.71 0.44 -15.30
C ASN A 737 16.61 -0.78 -15.46
N VAL A 738 17.22 -1.20 -14.35
CA VAL A 738 18.14 -2.32 -14.32
C VAL A 738 17.58 -3.38 -13.38
N THR A 739 17.49 -4.61 -13.86
CA THR A 739 17.07 -5.74 -13.05
C THR A 739 18.29 -6.44 -12.45
N VAL A 740 18.22 -6.77 -11.17
CA VAL A 740 19.38 -7.23 -10.41
C VAL A 740 19.10 -8.64 -9.90
N ASP A 741 20.03 -9.57 -10.21
CA ASP A 741 20.03 -10.92 -9.68
C ASP A 741 21.38 -11.18 -9.00
N PHE A 742 21.34 -11.81 -7.84
CA PHE A 742 22.58 -12.22 -7.17
C PHE A 742 22.24 -13.21 -6.07
N SER A 743 23.30 -13.88 -5.58
CA SER A 743 23.23 -14.79 -4.45
C SER A 743 24.31 -14.39 -3.45
N TRP A 744 24.19 -14.93 -2.25
CA TRP A 744 25.16 -14.64 -1.21
C TRP A 744 25.34 -15.84 -0.32
N LYS A 745 26.56 -16.04 0.15
CA LYS A 745 26.85 -17.14 1.05
C LYS A 745 27.95 -16.66 1.95
N ASP A 746 27.92 -17.07 3.20
CA ASP A 746 28.91 -16.58 4.14
C ASP A 746 28.84 -15.07 4.15
N GLY A 747 29.98 -14.42 4.03
CA GLY A 747 30.00 -12.96 3.99
C GLY A 747 30.23 -12.38 2.61
N LYS A 748 29.99 -13.16 1.56
CA LYS A 748 30.27 -12.69 0.22
C LYS A 748 29.10 -12.76 -0.75
N VAL A 749 29.12 -11.91 -1.76
CA VAL A 749 28.06 -11.90 -2.76
C VAL A 749 28.64 -12.42 -4.07
N SER A 750 27.94 -13.35 -4.72
CA SER A 750 28.38 -13.94 -5.97
C SER A 750 27.23 -13.97 -6.97
N ASN A 751 27.56 -14.35 -8.20
CA ASN A 751 26.58 -14.54 -9.28
C ASN A 751 25.79 -13.25 -9.54
N VAL A 752 26.47 -12.11 -9.54
CA VAL A 752 25.78 -10.86 -9.82
C VAL A 752 25.49 -10.69 -11.30
N LYS A 753 24.21 -10.57 -11.65
CA LYS A 753 23.84 -10.35 -13.04
C LYS A 753 22.93 -9.14 -13.16
N LEU A 754 23.29 -8.22 -14.04
CA LEU A 754 22.49 -7.03 -14.23
C LEU A 754 21.89 -7.04 -15.61
N TYR A 755 20.60 -6.73 -15.70
CA TYR A 755 19.89 -6.78 -16.97
C TYR A 755 19.25 -5.42 -17.27
N SER A 756 19.17 -5.09 -18.55
CA SER A 756 18.53 -3.86 -18.99
C SER A 756 18.12 -4.03 -20.45
N ALA A 757 17.29 -3.09 -20.91
CA ALA A 757 16.83 -3.12 -22.30
C ALA A 757 17.91 -2.67 -23.27
N GLN A 758 18.78 -1.76 -22.85
CA GLN A 758 19.90 -1.26 -23.64
C GLN A 758 21.22 -1.52 -22.91
N PRO A 759 22.33 -1.65 -23.64
CA PRO A 759 23.61 -1.89 -22.96
C PRO A 759 24.03 -0.71 -22.11
N LYS A 760 24.52 -1.00 -20.91
CA LYS A 760 24.90 0.03 -19.96
C LYS A 760 26.07 -0.47 -19.12
N VAL A 761 26.83 0.48 -18.59
CA VAL A 761 27.91 0.20 -17.65
C VAL A 761 27.63 0.99 -16.38
N LEU A 762 27.49 0.29 -15.27
CA LEU A 762 27.09 0.92 -14.02
C LEU A 762 28.21 0.83 -12.97
N PRO A 763 28.37 1.86 -12.14
CA PRO A 763 29.22 1.73 -10.96
C PRO A 763 28.52 0.84 -9.93
N VAL A 764 29.19 -0.24 -9.54
CA VAL A 764 28.60 -1.25 -8.66
C VAL A 764 29.52 -1.43 -7.46
N ARG A 765 28.98 -1.19 -6.27
CA ARG A 765 29.68 -1.50 -5.02
C ARG A 765 29.19 -2.85 -4.53
N VAL A 766 30.13 -3.77 -4.32
CA VAL A 766 29.80 -5.12 -3.87
C VAL A 766 31.02 -5.70 -3.16
N ASN A 767 30.76 -6.42 -2.07
CA ASN A 767 31.81 -7.04 -1.27
C ASN A 767 32.84 -6.02 -0.80
N GLY A 768 32.37 -4.81 -0.52
CA GLY A 768 33.24 -3.75 -0.06
C GLY A 768 34.18 -3.19 -1.12
N LYS A 769 33.96 -3.52 -2.39
CA LYS A 769 34.79 -3.04 -3.48
C LYS A 769 33.93 -2.31 -4.50
N MET A 770 34.47 -1.20 -5.03
CA MET A 770 33.78 -0.40 -6.03
C MET A 770 34.25 -0.84 -7.42
N THR A 771 33.34 -1.37 -8.22
CA THR A 771 33.63 -1.88 -9.55
C THR A 771 32.68 -1.23 -10.55
N ARG A 772 32.96 -1.43 -11.83
CA ARG A 772 32.03 -1.10 -12.89
C ARG A 772 31.59 -2.39 -13.58
N MET A 773 30.31 -2.45 -13.93
CA MET A 773 29.73 -3.68 -14.46
C MET A 773 28.87 -3.37 -15.67
N LYS A 774 28.88 -4.28 -16.64
CA LYS A 774 28.06 -4.18 -17.84
C LYS A 774 26.78 -4.98 -17.66
N THR A 775 25.70 -4.48 -18.26
CA THR A 775 24.41 -5.14 -18.17
C THR A 775 24.22 -6.12 -19.32
N LEU A 776 23.42 -7.13 -19.05
CA LEU A 776 23.13 -8.13 -20.05
C LEU A 776 21.74 -7.87 -20.59
N PRO A 777 21.40 -8.51 -21.71
CA PRO A 777 20.09 -8.31 -22.32
C PRO A 777 18.97 -8.83 -21.44
N LEU A 778 17.91 -8.03 -21.28
CA LEU A 778 16.76 -8.48 -20.51
C LEU A 778 16.05 -9.58 -21.26
N LYS A 779 15.50 -10.53 -20.51
CA LYS A 779 14.78 -11.63 -21.12
C LYS A 779 13.30 -11.35 -21.15
#